data_6LJL
#
_entry.id   6LJL
#
_cell.length_a   59.459
_cell.length_b   107.851
_cell.length_c   129.434
_cell.angle_alpha   90.000
_cell.angle_beta   90.000
_cell.angle_gamma   90.000
#
_symmetry.space_group_name_H-M   'P 21 21 21'
#
loop_
_entity.id
_entity.type
_entity.pdbx_description
1 polymer 'Heparinase II/III-like protein'
2 branched '4-deoxy-alpha-L-threo-hex-4-enopyranuronic acid-(1-4)-2-deoxy-6-O-sulfo-2-(sulfoamino)-alpha-D-glucopyranose-(1-4)-2-O-sulfo-alpha-L-idopyranuronic acid-(1-4)-2-deoxy-6-O-sulfo-2-(sulfoamino)-alpha-D-glucopyranose'
3 non-polymer 'CALCIUM ION'
4 water water
#
_entity_poly.entity_id   1
_entity_poly.type   'polypeptide(L)'
_entity_poly.pdbx_seq_one_letter_code
;MKKIILGLSVLCLLMACGSSEQPAVIKVSEETLMYEVRATPSPADGTYVKVNPPRFMWPDKFPHLGPVLDGVPGQVDEKP
KVVYRIRISQDKNFRKDVLTGERAWAFFNPFQCLAQGKWYWQHAYVTPEGTEEWSPVYQFYIDKDTPEFNPPTLEKVLAR
YPSHHPRVLLDADDWENIIAKNNNNPEARTYMDKASQCISRPLKHLQEEIDTTNVVTLTNIVQRESALIRESRKIVDREE
ANVEALVRAYLLTKDEKYYREGINRLSEILSWQKSKYFAGDFNLSTLLSMSTSAYDGFYNLLSPEEKQLLLDNIRKIGDK
FYNEYVNHLENRIADNHVWQMTFRILTMAAFATVGEIPEASVWTDYCYNEWISRLPGLHKDGGWHNGDAAFHVNIRTLIE
VPVFFSRISGFNFFADPWYNNNALYVIYQQPPFSKSGGHGNSHEGQRSPNGGRIGYADALARECNNPWAAAYVHEIMQED
PDILSKAFEAKPADLTWYRCTTPKERPAYSKHLSELPESKVFKQTGTALMNTDIGHHANNAMLSFRSSPYGSTSAALANQ
NAFNTFFGGKAIFYSSGHRTGFTDDHCMYAYRNTRAHNSILVNGMGQKIGTEGYGWIPRYYEGEEISYVVGDASNAYGKV
VSPLWLERGRLSGTQFTPEKGWDENKLEFFRRHVVQLGRSGLFVVYDELAGKEPVEWNYLLHTVELPMEVVKEEGGLRIL
GKNKADGISIAHLYSSQEMTYAQTDTFFVAALDWKKRLGKALPNHYHFTATTAPCNKVFFLNIIDVHGNNRADAVINHQG
NHITVEGWVIECNLDSEGKAFLHIENKQNGASLDFNYNSNKGATTIVDQVDGKRIEKRLVDSLPEPEILEHHHHHH
;
_entity_poly.pdbx_strand_id   A
#
# COMPACT_ATOMS: atom_id res chain seq x y z
N ALA A 24 1.03 -27.45 -15.74
CA ALA A 24 1.81 -26.27 -15.40
C ALA A 24 0.92 -25.06 -15.16
N VAL A 25 -0.36 -25.17 -15.49
CA VAL A 25 -1.32 -24.07 -15.38
C VAL A 25 -2.29 -24.40 -14.24
N ILE A 26 -2.35 -23.52 -13.25
CA ILE A 26 -3.21 -23.70 -12.07
C ILE A 26 -4.51 -22.93 -12.28
N LYS A 27 -5.63 -23.59 -12.00
CA LYS A 27 -6.94 -22.94 -11.97
C LYS A 27 -7.35 -22.74 -10.52
N VAL A 28 -7.66 -21.49 -10.15
CA VAL A 28 -8.17 -21.14 -8.82
C VAL A 28 -9.69 -21.11 -8.87
N SER A 29 -10.33 -21.65 -7.83
CA SER A 29 -11.79 -21.64 -7.79
C SER A 29 -12.32 -21.05 -6.49
N GLU A 30 -11.51 -20.28 -5.79
CA GLU A 30 -11.95 -19.57 -4.59
C GLU A 30 -12.78 -18.35 -4.93
N GLU A 31 -13.79 -18.08 -4.11
CA GLU A 31 -14.51 -16.82 -4.30
C GLU A 31 -13.65 -15.62 -3.94
N THR A 32 -12.71 -15.81 -3.01
CA THR A 32 -11.80 -14.74 -2.65
C THR A 32 -10.47 -15.36 -2.22
N LEU A 33 -9.38 -14.64 -2.45
CA LEU A 33 -8.08 -15.07 -1.95
C LEU A 33 -7.73 -14.46 -0.61
N MET A 34 -8.20 -13.24 -0.34
CA MET A 34 -7.97 -12.54 0.90
C MET A 34 -9.32 -12.15 1.51
N TYR A 35 -9.37 -12.09 2.83
CA TYR A 35 -10.62 -11.87 3.56
C TYR A 35 -10.61 -10.52 4.25
N GLU A 36 -11.72 -9.79 4.11
CA GLU A 36 -11.91 -8.55 4.88
C GLU A 36 -11.78 -8.82 6.38
N VAL A 37 -12.34 -9.95 6.84
CA VAL A 37 -12.33 -10.31 8.25
C VAL A 37 -11.82 -11.74 8.32
N ARG A 38 -10.82 -11.98 9.18
CA ARG A 38 -10.06 -13.23 9.15
C ARG A 38 -11.00 -14.42 9.25
N ALA A 39 -10.74 -15.43 8.41
CA ALA A 39 -11.56 -16.64 8.36
C ALA A 39 -10.80 -17.92 8.66
N THR A 40 -9.48 -17.92 8.63
CA THR A 40 -8.67 -19.09 8.85
C THR A 40 -7.57 -18.77 9.86
N PRO A 41 -7.03 -19.79 10.53
CA PRO A 41 -5.92 -19.56 11.47
C PRO A 41 -4.58 -19.42 10.76
N SER A 42 -3.64 -18.81 11.49
CA SER A 42 -2.24 -18.72 11.08
C SER A 42 -1.37 -19.03 12.29
N PRO A 43 -0.27 -19.80 12.11
CA PRO A 43 0.19 -20.39 10.84
C PRO A 43 -0.82 -21.37 10.24
N ALA A 44 -0.89 -21.40 8.91
CA ALA A 44 -1.88 -22.23 8.25
C ALA A 44 -1.65 -23.71 8.60
N ASP A 45 -2.74 -24.46 8.62
CA ASP A 45 -2.69 -25.87 8.93
C ASP A 45 -1.75 -26.61 7.98
N GLY A 46 -0.81 -27.37 8.56
CA GLY A 46 0.08 -28.21 7.79
C GLY A 46 1.22 -27.51 7.09
N THR A 47 1.55 -26.28 7.47
CA THR A 47 2.54 -25.47 6.77
C THR A 47 3.89 -25.52 7.47
N TYR A 48 4.92 -25.19 6.69
CA TYR A 48 6.20 -24.78 7.27
C TYR A 48 6.13 -23.30 7.59
N VAL A 49 6.47 -22.94 8.83
CA VAL A 49 6.36 -21.56 9.24
C VAL A 49 7.47 -20.74 8.59
N LYS A 50 7.19 -19.45 8.38
CA LYS A 50 8.16 -18.55 7.78
C LYS A 50 9.10 -17.93 8.80
N VAL A 51 8.83 -18.09 10.09
CA VAL A 51 9.63 -17.45 11.13
C VAL A 51 9.44 -18.23 12.43
N ASN A 52 10.48 -18.23 13.26
CA ASN A 52 10.49 -18.86 14.57
C ASN A 52 10.74 -17.78 15.62
N PRO A 53 9.84 -17.57 16.61
CA PRO A 53 8.57 -18.25 16.87
C PRO A 53 7.48 -17.88 15.88
N PRO A 54 6.55 -18.79 15.62
CA PRO A 54 5.40 -18.44 14.77
C PRO A 54 4.57 -17.36 15.43
N ARG A 55 3.84 -16.62 14.61
CA ARG A 55 2.88 -15.62 15.08
C ARG A 55 1.48 -16.22 14.97
N PHE A 56 0.89 -16.59 16.11
CA PHE A 56 -0.41 -17.25 16.11
C PHE A 56 -1.54 -16.24 16.02
N MET A 57 -2.46 -16.47 15.07
CA MET A 57 -3.64 -15.63 14.90
C MET A 57 -4.79 -16.54 14.50
N TRP A 58 -6.01 -16.15 14.86
CA TRP A 58 -7.15 -16.96 14.51
C TRP A 58 -8.39 -16.08 14.38
N PRO A 59 -9.45 -16.57 13.74
CA PRO A 59 -10.67 -15.76 13.63
C PRO A 59 -11.33 -15.55 14.98
N ASP A 60 -11.99 -14.40 15.10
CA ASP A 60 -12.75 -14.11 16.31
C ASP A 60 -13.97 -15.01 16.42
N LYS A 61 -14.38 -15.26 17.66
CA LYS A 61 -15.61 -16.00 17.92
C LYS A 61 -16.80 -15.27 17.34
N PHE A 62 -16.80 -13.94 17.41
CA PHE A 62 -17.81 -13.08 16.78
C PHE A 62 -17.10 -12.19 15.76
N PRO A 63 -16.86 -12.69 14.53
CA PRO A 63 -16.14 -11.89 13.54
C PRO A 63 -16.79 -10.53 13.33
N HIS A 64 -15.96 -9.49 13.23
CA HIS A 64 -16.46 -8.12 13.34
C HIS A 64 -15.87 -7.22 12.26
N LEU A 65 -16.72 -6.80 11.33
CA LEU A 65 -16.30 -5.88 10.29
C LEU A 65 -16.13 -4.46 10.83
N GLY A 66 -17.04 -4.04 11.68
CA GLY A 66 -17.00 -2.70 12.24
C GLY A 66 -17.55 -1.63 11.32
N PRO A 67 -17.42 -0.38 11.74
CA PRO A 67 -17.94 0.74 10.94
C PRO A 67 -17.36 0.73 9.51
N VAL A 68 -18.23 1.03 8.55
CA VAL A 68 -17.82 0.86 7.15
C VAL A 68 -17.24 2.14 6.54
N LEU A 69 -17.49 3.31 7.14
CA LEU A 69 -16.87 4.56 6.71
C LEU A 69 -16.53 5.40 7.94
N ASP A 70 -15.61 6.36 7.74
CA ASP A 70 -15.15 7.23 8.83
C ASP A 70 -16.27 8.14 9.31
N GLY A 71 -17.00 8.77 8.40
CA GLY A 71 -18.05 9.69 8.80
C GLY A 71 -19.41 9.05 9.09
N VAL A 72 -19.66 7.87 8.54
CA VAL A 72 -20.98 7.25 8.61
C VAL A 72 -20.77 5.77 8.87
N PRO A 73 -21.06 5.28 10.07
CA PRO A 73 -20.65 3.90 10.40
C PRO A 73 -21.44 2.82 9.67
N GLY A 74 -22.69 3.10 9.31
CA GLY A 74 -23.53 2.05 8.75
C GLY A 74 -23.96 1.07 9.84
N GLN A 75 -24.45 -0.09 9.40
CA GLN A 75 -24.94 -1.10 10.33
C GLN A 75 -23.78 -1.83 10.98
N VAL A 76 -23.74 -1.81 12.30
CA VAL A 76 -22.67 -2.39 13.11
C VAL A 76 -23.30 -3.37 14.08
N ASP A 77 -22.64 -4.50 14.30
CA ASP A 77 -23.10 -5.47 15.28
C ASP A 77 -22.46 -5.24 16.65
N GLU A 78 -23.02 -5.91 17.66
CA GLU A 78 -22.35 -5.99 18.96
C GLU A 78 -20.93 -6.52 18.81
N LYS A 79 -20.05 -6.09 19.72
CA LYS A 79 -18.70 -6.62 19.80
C LYS A 79 -18.42 -6.99 21.25
N PRO A 80 -18.81 -8.20 21.67
CA PRO A 80 -18.58 -8.62 23.06
C PRO A 80 -17.11 -8.65 23.45
N LYS A 81 -16.84 -8.36 24.72
CA LYS A 81 -15.54 -8.71 25.23
C LYS A 81 -15.46 -10.22 25.36
N VAL A 82 -14.27 -10.78 25.11
CA VAL A 82 -14.08 -12.22 25.04
C VAL A 82 -12.76 -12.61 25.66
N VAL A 83 -12.63 -13.91 25.94
CA VAL A 83 -11.39 -14.49 26.42
C VAL A 83 -11.06 -15.69 25.54
N TYR A 84 -9.80 -15.80 25.13
CA TYR A 84 -9.31 -16.91 24.33
C TYR A 84 -8.18 -17.61 25.08
N ARG A 85 -8.05 -18.90 24.84
CA ARG A 85 -6.91 -19.66 25.33
C ARG A 85 -6.25 -20.39 24.15
N ILE A 86 -5.01 -20.82 24.39
CA ILE A 86 -4.21 -21.48 23.35
C ILE A 86 -3.29 -22.50 24.02
N ARG A 87 -3.02 -23.60 23.32
CA ARG A 87 -2.07 -24.59 23.80
C ARG A 87 -1.26 -25.09 22.63
N ILE A 88 0.05 -25.21 22.82
CA ILE A 88 0.99 -25.49 21.75
C ILE A 88 1.96 -26.55 22.23
N SER A 89 2.19 -27.59 21.43
CA SER A 89 3.09 -28.65 21.89
C SER A 89 3.43 -29.59 20.76
N GLN A 90 4.60 -30.23 20.87
CA GLN A 90 4.95 -31.33 19.98
C GLN A 90 4.32 -32.64 20.42
N ASP A 91 3.71 -32.68 21.59
CA ASP A 91 2.92 -33.83 22.06
C ASP A 91 1.49 -33.63 21.57
N LYS A 92 1.05 -34.50 20.65
CA LYS A 92 -0.27 -34.37 20.04
C LYS A 92 -1.39 -34.35 21.07
N ASN A 93 -1.16 -34.88 22.27
CA ASN A 93 -2.19 -34.93 23.29
C ASN A 93 -2.00 -33.89 24.38
N PHE A 94 -1.11 -32.93 24.16
CA PHE A 94 -1.03 -31.70 24.96
C PHE A 94 -0.85 -32.00 26.45
N ARG A 95 0.17 -32.79 26.75
CA ARG A 95 0.64 -32.96 28.11
C ARG A 95 2.14 -32.84 28.27
N LYS A 96 2.93 -33.24 27.28
CA LYS A 96 4.39 -33.12 27.32
C LYS A 96 4.79 -31.75 26.80
N ASP A 97 5.37 -30.92 27.67
CA ASP A 97 6.00 -29.65 27.30
C ASP A 97 5.06 -28.76 26.47
N VAL A 98 4.05 -28.23 27.14
CA VAL A 98 3.00 -27.47 26.49
C VAL A 98 3.21 -25.99 26.79
N LEU A 99 3.20 -25.17 25.74
CA LEU A 99 3.08 -23.71 25.89
C LEU A 99 1.61 -23.33 25.91
N THR A 100 1.21 -22.55 26.92
CA THR A 100 -0.18 -22.14 27.06
C THR A 100 -0.27 -20.64 27.27
N GLY A 101 -1.41 -20.08 26.88
CA GLY A 101 -1.66 -18.67 27.07
C GLY A 101 -3.14 -18.38 27.13
N GLU A 102 -3.46 -17.23 27.70
CA GLU A 102 -4.81 -16.70 27.75
C GLU A 102 -4.75 -15.24 27.31
N ARG A 103 -5.71 -14.84 26.47
CA ARG A 103 -5.69 -13.49 25.90
C ARG A 103 -7.11 -12.97 25.78
N ALA A 104 -7.24 -11.64 25.75
CA ALA A 104 -8.51 -10.98 25.46
C ALA A 104 -8.71 -10.79 23.96
N TRP A 105 -7.79 -11.31 23.15
CA TRP A 105 -7.77 -11.06 21.72
C TRP A 105 -7.12 -12.24 21.00
N ALA A 106 -7.43 -12.35 19.70
CA ALA A 106 -7.16 -13.56 18.94
C ALA A 106 -5.77 -13.56 18.29
N PHE A 107 -4.75 -13.28 19.08
CA PHE A 107 -3.38 -13.45 18.62
C PHE A 107 -2.49 -13.68 19.82
N PHE A 108 -1.43 -14.47 19.60
CA PHE A 108 -0.58 -14.92 20.69
C PHE A 108 0.86 -15.02 20.19
N ASN A 109 1.80 -14.53 20.99
CA ASN A 109 3.22 -14.63 20.70
C ASN A 109 3.92 -15.43 21.79
N PRO A 110 4.65 -16.49 21.43
CA PRO A 110 5.27 -17.34 22.47
C PRO A 110 6.49 -16.71 23.13
N PHE A 111 7.20 -15.83 22.44
CA PHE A 111 8.36 -15.14 22.99
C PHE A 111 9.48 -16.11 23.34
N GLN A 112 9.60 -17.19 22.56
CA GLN A 112 10.73 -18.11 22.61
C GLN A 112 10.79 -18.85 21.28
N CYS A 113 12.00 -19.13 20.81
CA CYS A 113 12.14 -19.94 19.61
C CYS A 113 11.78 -21.40 19.90
N LEU A 114 10.94 -21.98 19.05
CA LEU A 114 10.50 -23.35 19.25
C LEU A 114 11.53 -24.33 18.69
N ALA A 115 11.55 -25.53 19.28
CA ALA A 115 12.43 -26.60 18.82
C ALA A 115 11.99 -27.10 17.45
N GLN A 116 12.96 -27.63 16.69
CA GLN A 116 12.67 -28.16 15.37
C GLN A 116 11.68 -29.32 15.44
N GLY A 117 11.02 -29.56 14.32
CA GLY A 117 10.13 -30.71 14.22
C GLY A 117 8.70 -30.33 13.97
N LYS A 118 7.80 -31.27 14.20
CA LYS A 118 6.38 -31.07 13.98
C LYS A 118 5.72 -30.59 15.26
N TRP A 119 4.72 -29.73 15.12
CA TRP A 119 4.03 -29.12 16.25
C TRP A 119 2.52 -29.19 16.07
N TYR A 120 1.82 -29.20 17.19
CA TYR A 120 0.35 -29.18 17.22
C TYR A 120 -0.13 -28.03 18.10
N TRP A 121 -1.31 -27.49 17.77
CA TRP A 121 -1.87 -26.41 18.56
C TRP A 121 -3.36 -26.29 18.29
N GLN A 122 -4.06 -25.68 19.26
CA GLN A 122 -5.44 -25.30 19.08
C GLN A 122 -5.70 -24.08 19.94
N HIS A 123 -6.77 -23.36 19.60
CA HIS A 123 -7.21 -22.21 20.36
C HIS A 123 -8.64 -22.41 20.82
N ALA A 124 -9.00 -21.76 21.92
CA ALA A 124 -10.33 -21.91 22.48
C ALA A 124 -10.97 -20.55 22.66
N TYR A 125 -12.27 -20.50 22.47
CA TYR A 125 -13.08 -19.41 22.98
C TYR A 125 -13.64 -19.85 24.33
N VAL A 126 -13.57 -18.97 25.33
CA VAL A 126 -14.09 -19.25 26.66
C VAL A 126 -15.39 -18.48 26.86
N THR A 127 -16.49 -19.22 27.08
CA THR A 127 -17.78 -18.55 27.21
C THR A 127 -17.83 -17.75 28.52
N PRO A 128 -18.76 -16.79 28.63
CA PRO A 128 -18.91 -16.10 29.92
C PRO A 128 -19.14 -17.04 31.09
N GLU A 129 -19.68 -18.23 30.83
CA GLU A 129 -19.95 -19.20 31.87
C GLU A 129 -18.72 -20.04 32.24
N GLY A 130 -17.62 -19.91 31.51
CA GLY A 130 -16.41 -20.65 31.80
C GLY A 130 -16.16 -21.86 30.93
N THR A 131 -17.07 -22.15 29.99
CA THR A 131 -16.92 -23.29 29.08
C THR A 131 -15.88 -23.00 28.02
N GLU A 132 -15.06 -24.00 27.70
CA GLU A 132 -14.10 -23.89 26.61
C GLU A 132 -14.66 -24.48 25.32
N GLU A 133 -14.57 -23.72 24.23
CA GLU A 133 -14.86 -24.21 22.88
C GLU A 133 -13.53 -24.31 22.14
N TRP A 134 -13.03 -25.54 21.97
CA TRP A 134 -11.72 -25.75 21.37
C TRP A 134 -11.83 -25.90 19.86
N SER A 135 -10.84 -25.33 19.16
CA SER A 135 -10.71 -25.48 17.73
C SER A 135 -10.27 -26.90 17.37
N PRO A 136 -10.27 -27.25 16.09
CA PRO A 136 -9.52 -28.44 15.66
C PRO A 136 -8.04 -28.30 15.97
N VAL A 137 -7.35 -29.42 16.04
CA VAL A 137 -5.92 -29.44 16.32
C VAL A 137 -5.16 -29.20 15.02
N TYR A 138 -4.48 -28.07 14.92
CA TYR A 138 -3.72 -27.70 13.73
C TYR A 138 -2.27 -28.13 13.88
N GLN A 139 -1.57 -28.21 12.74
CA GLN A 139 -0.18 -28.66 12.68
C GLN A 139 0.68 -27.65 11.95
N PHE A 140 1.95 -27.58 12.32
CA PHE A 140 2.94 -26.80 11.59
C PHE A 140 4.32 -27.41 11.84
N TYR A 141 5.30 -27.00 11.02
CA TYR A 141 6.65 -27.58 11.04
C TYR A 141 7.72 -26.50 11.12
N ILE A 142 8.80 -26.80 11.84
CA ILE A 142 9.95 -25.92 11.94
C ILE A 142 11.18 -26.68 11.45
N ASP A 143 11.95 -26.01 10.57
CA ASP A 143 13.12 -26.60 9.94
C ASP A 143 14.41 -26.16 10.63
N LYS A 144 15.52 -26.78 10.19
CA LYS A 144 16.84 -26.25 10.50
C LYS A 144 17.03 -24.88 9.87
N ASP A 145 16.33 -24.61 8.77
CA ASP A 145 16.47 -23.39 8.00
C ASP A 145 15.56 -22.26 8.47
N THR A 146 14.59 -22.55 9.33
CA THR A 146 13.59 -21.55 9.67
C THR A 146 14.25 -20.33 10.30
N PRO A 147 14.04 -19.14 9.76
CA PRO A 147 14.67 -17.94 10.34
C PRO A 147 14.10 -17.61 11.72
N GLU A 148 14.95 -17.02 12.56
CA GLU A 148 14.59 -16.71 13.93
C GLU A 148 14.51 -15.19 14.09
N PHE A 149 13.36 -14.72 14.58
CA PHE A 149 13.09 -13.31 14.81
C PHE A 149 12.27 -13.25 16.10
N ASN A 150 12.95 -13.04 17.23
CA ASN A 150 12.41 -13.36 18.56
C ASN A 150 12.54 -12.15 19.49
N PRO A 151 11.69 -11.15 19.34
CA PRO A 151 11.78 -9.95 20.21
C PRO A 151 11.45 -10.31 21.65
N PRO A 152 11.88 -9.52 22.61
CA PRO A 152 11.68 -9.89 24.02
C PRO A 152 10.24 -9.70 24.51
N THR A 153 9.92 -10.40 25.60
CA THR A 153 8.62 -10.23 26.25
C THR A 153 8.40 -8.78 26.66
N LEU A 154 7.12 -8.38 26.71
CA LEU A 154 6.80 -7.05 27.22
C LEU A 154 7.23 -6.92 28.68
N GLU A 155 7.21 -8.03 29.44
CA GLU A 155 7.65 -7.97 30.82
C GLU A 155 9.11 -7.54 30.92
N LYS A 156 9.97 -8.06 30.04
CA LYS A 156 11.36 -7.61 30.02
C LYS A 156 11.44 -6.11 29.73
N VAL A 157 10.65 -5.64 28.75
CA VAL A 157 10.73 -4.26 28.31
C VAL A 157 10.28 -3.31 29.41
N LEU A 158 9.13 -3.61 30.03
CA LEU A 158 8.63 -2.72 31.07
C LEU A 158 9.50 -2.77 32.32
N ALA A 159 10.11 -3.92 32.62
CA ALA A 159 10.96 -4.05 33.81
C ALA A 159 12.10 -3.01 33.82
N ARG A 160 12.71 -2.77 32.66
CA ARG A 160 13.80 -1.81 32.56
C ARG A 160 13.35 -0.42 32.15
N TYR A 161 12.05 -0.25 31.90
CA TYR A 161 11.55 1.04 31.41
C TYR A 161 11.59 2.09 32.51
N PRO A 162 12.21 3.25 32.27
CA PRO A 162 12.37 4.23 33.35
C PRO A 162 11.07 4.93 33.67
N SER A 163 10.97 5.36 34.92
CA SER A 163 9.81 6.12 35.38
C SER A 163 9.94 7.61 35.10
N HIS A 164 11.12 8.09 34.72
CA HIS A 164 11.28 9.52 34.52
C HIS A 164 10.62 9.97 33.22
N HIS A 165 10.41 11.28 33.11
CA HIS A 165 10.01 11.91 31.85
C HIS A 165 11.03 13.00 31.48
N PRO A 166 11.25 13.24 30.19
CA PRO A 166 10.63 12.54 29.05
C PRO A 166 11.11 11.10 28.94
N ARG A 167 10.27 10.21 28.40
CA ARG A 167 10.75 8.87 28.08
C ARG A 167 10.30 8.38 26.73
N VAL A 168 9.41 9.08 26.03
CA VAL A 168 8.92 8.66 24.73
C VAL A 168 9.48 9.51 23.60
N LEU A 169 9.29 10.84 23.68
CA LEU A 169 9.80 11.73 22.64
C LEU A 169 11.33 11.67 22.57
N LEU A 170 11.97 11.54 23.74
CA LEU A 170 13.37 11.16 23.90
C LEU A 170 13.49 10.62 25.32
N ASP A 171 14.66 10.12 25.68
CA ASP A 171 14.87 9.69 27.07
C ASP A 171 15.63 10.76 27.86
N ALA A 172 15.21 10.95 29.11
CA ALA A 172 15.78 12.01 29.94
C ALA A 172 17.30 11.87 30.05
N ASP A 173 17.81 10.63 30.12
CA ASP A 173 19.25 10.44 30.26
C ASP A 173 20.03 10.94 29.05
N ASP A 174 19.40 10.98 27.87
CA ASP A 174 20.03 11.45 26.65
C ASP A 174 19.69 12.89 26.31
N TRP A 175 18.91 13.56 27.15
CA TRP A 175 18.35 14.87 26.79
C TRP A 175 19.44 15.90 26.55
N GLU A 176 20.39 16.00 27.48
CA GLU A 176 21.39 17.04 27.33
C GLU A 176 22.25 16.79 26.09
N ASN A 177 22.52 15.52 25.80
CA ASN A 177 23.28 15.18 24.61
C ASN A 177 22.54 15.57 23.34
N ILE A 178 21.23 15.31 23.30
CA ILE A 178 20.46 15.68 22.11
C ILE A 178 20.42 17.19 21.94
N ILE A 179 20.35 17.94 23.04
CA ILE A 179 20.40 19.40 22.94
C ILE A 179 21.73 19.84 22.34
N ALA A 180 22.84 19.32 22.86
CA ALA A 180 24.16 19.75 22.38
C ALA A 180 24.34 19.43 20.91
N LYS A 181 23.93 18.22 20.49
CA LYS A 181 24.10 17.80 19.10
C LYS A 181 23.32 18.71 18.15
N ASN A 182 22.14 19.15 18.56
CA ASN A 182 21.29 19.92 17.67
C ASN A 182 21.54 21.42 17.72
N ASN A 183 22.40 21.91 18.63
CA ASN A 183 22.74 23.33 18.63
C ASN A 183 23.29 23.77 17.28
N ASN A 184 23.91 22.85 16.54
CA ASN A 184 24.51 23.14 15.25
C ASN A 184 23.85 22.35 14.14
N ASN A 185 22.58 21.99 14.33
CA ASN A 185 21.78 21.30 13.32
C ASN A 185 20.83 22.32 12.71
N PRO A 186 21.08 22.79 11.49
CA PRO A 186 20.17 23.79 10.89
C PRO A 186 18.74 23.28 10.75
N GLU A 187 18.55 21.97 10.60
CA GLU A 187 17.21 21.41 10.54
C GLU A 187 16.43 21.65 11.83
N ALA A 188 17.14 21.70 12.97
CA ALA A 188 16.48 21.86 14.25
C ALA A 188 15.98 23.28 14.47
N ARG A 189 16.56 24.27 13.77
CA ARG A 189 16.14 25.66 13.92
C ARG A 189 14.69 25.86 13.52
N THR A 190 14.18 25.01 12.63
CA THR A 190 12.82 25.23 12.12
C THR A 190 11.80 25.12 13.22
N TYR A 191 12.02 24.24 14.20
CA TYR A 191 11.08 24.16 15.31
C TYR A 191 10.99 25.51 16.04
N MET A 192 12.14 26.08 16.39
CA MET A 192 12.12 27.31 17.18
C MET A 192 11.53 28.47 16.40
N ASP A 193 11.82 28.55 15.10
CA ASP A 193 11.27 29.64 14.29
C ASP A 193 9.76 29.50 14.16
N LYS A 194 9.27 28.30 13.84
CA LYS A 194 7.83 28.08 13.74
C LYS A 194 7.14 28.30 15.08
N ALA A 195 7.71 27.77 16.16
CA ALA A 195 7.09 27.92 17.47
C ALA A 195 7.06 29.38 17.90
N SER A 196 8.11 30.14 17.56
CA SER A 196 8.19 31.51 18.04
C SER A 196 7.09 32.38 17.43
N GLN A 197 6.68 32.09 16.20
CA GLN A 197 5.61 32.88 15.59
C GLN A 197 4.27 32.65 16.25
N CYS A 198 4.12 31.59 17.05
CA CYS A 198 2.85 31.32 17.73
C CYS A 198 2.68 32.15 18.98
N ILE A 199 3.78 32.56 19.62
CA ILE A 199 3.71 33.11 20.97
C ILE A 199 2.93 34.40 20.95
N SER A 200 1.95 34.50 21.87
CA SER A 200 1.05 35.64 22.00
C SER A 200 0.23 35.91 20.74
N ARG A 201 0.21 34.97 19.78
CA ARG A 201 -0.59 35.08 18.57
C ARG A 201 -1.82 34.19 18.73
N PRO A 202 -2.86 34.69 19.41
CA PRO A 202 -3.99 33.84 19.82
C PRO A 202 -4.61 32.97 18.73
N LEU A 203 -5.18 31.85 19.17
CA LEU A 203 -5.90 30.92 18.31
C LEU A 203 -7.38 31.05 18.63
N LYS A 204 -8.21 31.20 17.59
CA LYS A 204 -9.64 31.34 17.77
C LYS A 204 -10.29 29.98 18.00
N HIS A 205 -11.59 30.01 18.32
CA HIS A 205 -12.32 28.75 18.46
C HIS A 205 -12.55 28.12 17.09
N LEU A 206 -12.85 26.81 17.10
CA LEU A 206 -12.99 26.08 15.84
C LEU A 206 -14.08 26.67 14.96
N GLN A 207 -15.21 27.06 15.56
CA GLN A 207 -16.31 27.60 14.76
C GLN A 207 -15.95 28.89 14.04
N GLU A 208 -14.95 29.62 14.51
CA GLU A 208 -14.48 30.83 13.85
C GLU A 208 -13.36 30.56 12.86
N GLU A 209 -12.70 29.41 12.95
CA GLU A 209 -11.57 29.08 12.09
C GLU A 209 -11.95 28.20 10.92
N ILE A 210 -12.95 27.34 11.10
CA ILE A 210 -13.31 26.36 10.08
C ILE A 210 -14.09 27.03 8.95
N ASP A 211 -14.05 26.41 7.78
CA ASP A 211 -14.83 26.82 6.62
C ASP A 211 -15.86 25.72 6.36
N THR A 212 -17.12 25.98 6.69
CA THR A 212 -18.19 25.02 6.42
C THR A 212 -19.05 25.41 5.22
N THR A 213 -18.62 26.39 4.42
CA THR A 213 -19.48 26.88 3.35
C THR A 213 -19.75 25.82 2.29
N ASN A 214 -18.80 24.92 2.03
CA ASN A 214 -19.10 23.84 1.10
C ASN A 214 -19.92 22.75 1.77
N VAL A 215 -19.59 22.43 3.03
CA VAL A 215 -20.26 21.35 3.75
C VAL A 215 -21.77 21.47 3.66
N VAL A 216 -22.30 22.68 3.93
CA VAL A 216 -23.74 22.85 4.05
C VAL A 216 -24.47 22.74 2.73
N THR A 217 -23.77 22.69 1.60
CA THR A 217 -24.42 22.55 0.30
C THR A 217 -24.67 21.10 -0.10
N LEU A 218 -24.16 20.13 0.67
CA LEU A 218 -24.13 18.72 0.27
C LEU A 218 -25.30 17.98 0.91
N THR A 219 -26.16 17.37 0.09
CA THR A 219 -27.32 16.68 0.64
C THR A 219 -27.06 15.21 0.95
N ASN A 220 -26.12 14.57 0.27
CA ASN A 220 -25.81 13.17 0.56
C ASN A 220 -24.98 13.10 1.84
N ILE A 221 -25.40 12.24 2.79
CA ILE A 221 -24.79 12.30 4.11
C ILE A 221 -23.37 11.76 4.12
N VAL A 222 -23.06 10.75 3.30
CA VAL A 222 -21.66 10.32 3.19
C VAL A 222 -20.80 11.48 2.71
N GLN A 223 -21.30 12.23 1.72
CA GLN A 223 -20.51 13.35 1.20
C GLN A 223 -20.42 14.48 2.23
N ARG A 224 -21.54 14.81 2.88
CA ARG A 224 -21.53 15.90 3.84
C ARG A 224 -20.55 15.63 4.99
N GLU A 225 -20.60 14.42 5.57
CA GLU A 225 -19.72 14.13 6.69
C GLU A 225 -18.27 14.04 6.24
N SER A 226 -18.03 13.51 5.04
CA SER A 226 -16.66 13.41 4.55
C SER A 226 -16.06 14.80 4.32
N ALA A 227 -16.84 15.71 3.73
CA ALA A 227 -16.41 17.09 3.60
C ALA A 227 -16.13 17.73 4.97
N LEU A 228 -17.01 17.49 5.95
CA LEU A 228 -16.81 18.08 7.28
C LEU A 228 -15.50 17.59 7.91
N ILE A 229 -15.19 16.31 7.75
CA ILE A 229 -13.92 15.77 8.23
C ILE A 229 -12.75 16.52 7.59
N ARG A 230 -12.77 16.67 6.26
CA ARG A 230 -11.70 17.39 5.56
C ARG A 230 -11.57 18.83 6.07
N GLU A 231 -12.69 19.53 6.20
CA GLU A 231 -12.63 20.94 6.56
C GLU A 231 -12.14 21.13 7.99
N SER A 232 -12.57 20.28 8.91
CA SER A 232 -12.09 20.37 10.28
C SER A 232 -10.64 19.91 10.42
N ARG A 233 -10.23 18.88 9.65
CA ARG A 233 -8.84 18.45 9.72
C ARG A 233 -7.88 19.54 9.26
N LYS A 234 -8.31 20.38 8.30
CA LYS A 234 -7.48 21.50 7.88
C LYS A 234 -7.01 22.31 9.09
N ILE A 235 -7.92 22.63 9.99
CA ILE A 235 -7.62 23.49 11.13
C ILE A 235 -6.86 22.72 12.20
N VAL A 236 -7.33 21.50 12.52
CA VAL A 236 -6.70 20.71 13.57
C VAL A 236 -5.27 20.37 13.18
N ASP A 237 -5.04 19.98 11.92
CA ASP A 237 -3.70 19.63 11.48
C ASP A 237 -2.78 20.84 11.46
N ARG A 238 -3.30 22.01 11.08
CA ARG A 238 -2.49 23.22 11.12
C ARG A 238 -2.02 23.48 12.53
N GLU A 239 -2.92 23.37 13.50
CA GLU A 239 -2.55 23.66 14.87
C GLU A 239 -1.74 22.54 15.51
N GLU A 240 -1.93 21.28 15.10
CA GLU A 240 -1.05 20.23 15.59
C GLU A 240 0.40 20.53 15.25
N ALA A 241 0.64 21.00 14.03
CA ALA A 241 2.02 21.30 13.64
C ALA A 241 2.60 22.38 14.53
N ASN A 242 1.77 23.34 14.94
CA ASN A 242 2.21 24.38 15.86
C ASN A 242 2.52 23.80 17.25
N VAL A 243 1.60 23.00 17.81
CA VAL A 243 1.82 22.39 19.12
C VAL A 243 3.05 21.49 19.12
N GLU A 244 3.21 20.68 18.08
CA GLU A 244 4.36 19.78 18.06
C GLU A 244 5.67 20.54 17.92
N ALA A 245 5.67 21.65 17.17
CA ALA A 245 6.87 22.48 17.11
C ALA A 245 7.16 23.12 18.46
N LEU A 246 6.12 23.53 19.19
CA LEU A 246 6.33 24.10 20.51
C LEU A 246 6.93 23.07 21.48
N VAL A 247 6.44 21.83 21.46
CA VAL A 247 7.02 20.81 22.33
C VAL A 247 8.48 20.57 21.96
N ARG A 248 8.77 20.43 20.67
CA ARG A 248 10.13 20.09 20.28
C ARG A 248 11.07 21.28 20.47
N ALA A 249 10.57 22.49 20.24
CA ALA A 249 11.37 23.67 20.55
C ALA A 249 11.72 23.70 22.03
N TYR A 250 10.76 23.38 22.90
CA TYR A 250 11.10 23.32 24.32
C TYR A 250 12.15 22.24 24.57
N LEU A 251 12.01 21.08 23.92
CA LEU A 251 12.95 20.00 24.21
C LEU A 251 14.36 20.36 23.75
N LEU A 252 14.48 21.19 22.70
CA LEU A 252 15.78 21.52 22.14
C LEU A 252 16.44 22.72 22.81
N THR A 253 15.70 23.50 23.61
CA THR A 253 16.22 24.75 24.19
C THR A 253 15.98 24.87 25.68
N LYS A 254 15.01 24.17 26.23
CA LYS A 254 14.52 24.34 27.61
C LYS A 254 14.07 25.77 27.90
N ASP A 255 13.70 26.52 26.87
CA ASP A 255 13.11 27.84 27.08
C ASP A 255 11.63 27.65 27.36
N GLU A 256 11.18 28.04 28.56
CA GLU A 256 9.81 27.76 28.96
C GLU A 256 8.77 28.59 28.21
N LYS A 257 9.17 29.58 27.41
CA LYS A 257 8.19 30.28 26.60
C LYS A 257 7.47 29.31 25.65
N TYR A 258 8.15 28.26 25.22
CA TYR A 258 7.51 27.24 24.38
C TYR A 258 6.57 26.34 25.17
N TYR A 259 6.88 26.08 26.46
CA TYR A 259 5.94 25.36 27.31
C TYR A 259 4.66 26.16 27.52
N ARG A 260 4.79 27.45 27.84
CA ARG A 260 3.59 28.25 28.13
C ARG A 260 2.66 28.31 26.92
N GLU A 261 3.22 28.64 25.75
CA GLU A 261 2.39 28.69 24.55
C GLU A 261 1.93 27.30 24.13
N GLY A 262 2.76 26.27 24.33
CA GLY A 262 2.33 24.90 24.04
C GLY A 262 1.07 24.53 24.81
N ILE A 263 1.06 24.80 26.11
CA ILE A 263 -0.12 24.50 26.94
C ILE A 263 -1.30 25.38 26.53
N ASN A 264 -1.04 26.67 26.30
CA ASN A 264 -2.12 27.58 25.90
C ASN A 264 -2.80 27.09 24.62
N ARG A 265 -2.01 26.81 23.58
CA ARG A 265 -2.57 26.39 22.31
C ARG A 265 -3.24 25.02 22.43
N LEU A 266 -2.58 24.04 23.05
CA LEU A 266 -3.19 22.73 23.17
C LEU A 266 -4.49 22.79 23.97
N SER A 267 -4.53 23.59 25.04
CA SER A 267 -5.77 23.71 25.81
C SER A 267 -6.92 24.20 24.94
N GLU A 268 -6.66 25.19 24.07
CA GLU A 268 -7.68 25.66 23.15
C GLU A 268 -8.17 24.53 22.23
N ILE A 269 -7.24 23.79 21.63
CA ILE A 269 -7.65 22.72 20.72
C ILE A 269 -8.48 21.68 21.45
N LEU A 270 -8.06 21.29 22.66
CA LEU A 270 -8.80 20.27 23.38
C LEU A 270 -10.23 20.72 23.65
N SER A 271 -10.44 22.02 23.85
CA SER A 271 -11.80 22.52 24.09
C SER A 271 -12.72 22.38 22.87
N TRP A 272 -12.17 22.09 21.68
CA TRP A 272 -12.98 21.86 20.48
C TRP A 272 -13.61 20.48 20.44
N GLN A 273 -13.20 19.59 21.36
CA GLN A 273 -13.57 18.18 21.40
C GLN A 273 -15.04 17.89 21.12
N LYS A 274 -15.93 18.58 21.81
CA LYS A 274 -17.33 18.26 21.75
C LYS A 274 -18.07 19.09 20.71
N SER A 275 -17.35 19.84 19.88
CA SER A 275 -17.97 20.62 18.81
C SER A 275 -18.60 19.70 17.77
N LYS A 276 -19.77 20.10 17.27
CA LYS A 276 -20.40 19.37 16.18
C LYS A 276 -19.53 19.36 14.92
N TYR A 277 -18.53 20.23 14.84
CA TYR A 277 -17.62 20.29 13.72
C TYR A 277 -16.37 19.44 13.90
N PHE A 278 -16.16 18.84 15.08
CA PHE A 278 -14.95 18.08 15.36
C PHE A 278 -15.19 16.64 14.91
N ALA A 279 -14.89 16.36 13.63
CA ALA A 279 -15.39 15.15 13.00
C ALA A 279 -14.26 14.22 12.58
N GLY A 280 -14.54 12.91 12.65
CA GLY A 280 -13.64 11.92 12.12
C GLY A 280 -12.60 11.48 13.13
N ASP A 281 -12.01 10.30 12.88
CA ASP A 281 -11.16 9.70 13.90
C ASP A 281 -9.74 10.25 13.89
N PHE A 282 -9.25 10.76 12.75
CA PHE A 282 -7.92 11.37 12.80
C PHE A 282 -7.89 12.57 13.73
N ASN A 283 -8.92 13.43 13.67
CA ASN A 283 -8.97 14.57 14.58
C ASN A 283 -8.93 14.12 16.04
N LEU A 284 -9.71 13.09 16.41
CA LEU A 284 -9.67 12.62 17.79
C LEU A 284 -8.31 12.04 18.15
N SER A 285 -7.72 11.27 17.24
CA SER A 285 -6.38 10.74 17.52
C SER A 285 -5.36 11.86 17.65
N THR A 286 -5.57 12.96 16.93
CA THR A 286 -4.64 14.08 17.03
C THR A 286 -4.62 14.68 18.44
N LEU A 287 -5.79 14.74 19.09
CA LEU A 287 -5.83 15.17 20.49
C LEU A 287 -5.02 14.24 21.39
N LEU A 288 -5.14 12.92 21.18
CA LEU A 288 -4.36 11.96 21.97
C LEU A 288 -2.86 12.16 21.75
N SER A 289 -2.47 12.32 20.48
CA SER A 289 -1.07 12.50 20.11
C SER A 289 -0.47 13.74 20.76
N MET A 290 -1.14 14.89 20.61
CA MET A 290 -0.63 16.13 21.18
C MET A 290 -0.61 16.08 22.70
N SER A 291 -1.63 15.46 23.31
CA SER A 291 -1.61 15.32 24.76
C SER A 291 -0.44 14.45 25.21
N THR A 292 -0.12 13.40 24.46
CA THR A 292 1.05 12.60 24.77
C THR A 292 2.34 13.42 24.69
N SER A 293 2.47 14.20 23.62
CA SER A 293 3.69 14.98 23.43
C SER A 293 3.87 15.99 24.54
N ALA A 294 2.78 16.70 24.91
CA ALA A 294 2.88 17.69 25.96
C ALA A 294 3.05 17.06 27.34
N TYR A 295 2.36 15.94 27.60
CA TYR A 295 2.53 15.27 28.88
C TYR A 295 3.97 14.78 29.07
N ASP A 296 4.51 14.07 28.08
CA ASP A 296 5.85 13.52 28.23
C ASP A 296 6.91 14.60 28.19
N GLY A 297 6.76 15.59 27.30
CA GLY A 297 7.77 16.63 27.13
C GLY A 297 7.76 17.72 28.17
N PHE A 298 6.57 18.12 28.63
CA PHE A 298 6.44 19.17 29.65
C PHE A 298 6.24 18.60 31.05
N TYR A 299 6.41 17.29 31.23
CA TYR A 299 5.97 16.62 32.45
C TYR A 299 6.43 17.33 33.71
N ASN A 300 7.71 17.67 33.77
CA ASN A 300 8.26 18.19 35.02
C ASN A 300 7.89 19.65 35.29
N LEU A 301 7.17 20.30 34.37
CA LEU A 301 6.69 21.67 34.56
C LEU A 301 5.19 21.75 34.84
N LEU A 302 4.44 20.66 34.69
CA LEU A 302 2.99 20.75 34.69
C LEU A 302 2.44 21.16 36.05
N SER A 303 1.47 22.10 36.04
CA SER A 303 0.66 22.36 37.22
C SER A 303 -0.23 21.15 37.50
N PRO A 304 -0.78 21.04 38.71
CA PRO A 304 -1.72 19.94 38.97
C PRO A 304 -2.87 19.93 37.98
N GLU A 305 -3.45 21.10 37.71
CA GLU A 305 -4.57 21.18 36.77
C GLU A 305 -4.13 20.83 35.35
N GLU A 306 -2.94 21.27 34.94
CA GLU A 306 -2.44 20.92 33.61
C GLU A 306 -2.25 19.42 33.47
N LYS A 307 -1.66 18.78 34.49
CA LYS A 307 -1.42 17.34 34.41
C LYS A 307 -2.74 16.57 34.38
N GLN A 308 -3.73 17.02 35.14
CA GLN A 308 -5.03 16.36 35.14
C GLN A 308 -5.72 16.52 33.79
N LEU A 309 -5.59 17.70 33.17
CA LEU A 309 -6.15 17.92 31.84
C LEU A 309 -5.58 16.93 30.83
N LEU A 310 -4.25 16.83 30.76
CA LEU A 310 -3.63 15.93 29.80
C LEU A 310 -3.98 14.48 30.12
N LEU A 311 -3.89 14.08 31.39
CA LEU A 311 -4.16 12.69 31.75
C LEU A 311 -5.63 12.32 31.54
N ASP A 312 -6.55 13.25 31.82
CA ASP A 312 -7.96 12.97 31.57
C ASP A 312 -8.19 12.64 30.10
N ASN A 313 -7.53 13.37 29.21
CA ASN A 313 -7.76 13.18 27.78
C ASN A 313 -7.00 11.96 27.25
N ILE A 314 -5.82 11.65 27.82
CA ILE A 314 -5.18 10.38 27.46
C ILE A 314 -6.05 9.21 27.87
N ARG A 315 -6.57 9.23 29.11
CA ARG A 315 -7.45 8.15 29.56
C ARG A 315 -8.69 8.04 28.67
N LYS A 316 -9.33 9.18 28.40
CA LYS A 316 -10.56 9.18 27.62
C LYS A 316 -10.30 8.68 26.21
N ILE A 317 -9.32 9.26 25.51
CA ILE A 317 -9.20 8.97 24.09
C ILE A 317 -8.44 7.67 23.84
N GLY A 318 -7.47 7.32 24.68
CA GLY A 318 -6.83 6.01 24.56
C GLY A 318 -7.79 4.85 24.78
N ASP A 319 -8.65 4.96 25.78
CA ASP A 319 -9.70 3.96 26.00
C ASP A 319 -10.60 3.83 24.78
N LYS A 320 -11.00 4.97 24.18
CA LYS A 320 -11.86 4.91 23.00
C LYS A 320 -11.21 4.14 21.87
N PHE A 321 -9.93 4.43 21.57
CA PHE A 321 -9.26 3.74 20.47
C PHE A 321 -9.00 2.28 20.79
N TYR A 322 -8.51 1.97 22.00
CA TYR A 322 -8.35 0.57 22.36
C TYR A 322 -9.66 -0.20 22.18
N ASN A 323 -10.78 0.40 22.59
CA ASN A 323 -12.06 -0.31 22.48
C ASN A 323 -12.47 -0.49 21.03
N GLU A 324 -12.09 0.43 20.14
CA GLU A 324 -12.34 0.24 18.72
C GLU A 324 -11.49 -0.87 18.14
N TYR A 325 -10.22 -0.95 18.57
CA TYR A 325 -9.30 -1.91 17.95
C TYR A 325 -9.62 -3.33 18.36
N VAL A 326 -9.82 -3.57 19.66
CA VAL A 326 -9.80 -4.92 20.17
C VAL A 326 -10.91 -5.74 19.54
N ASN A 327 -10.60 -7.00 19.23
CA ASN A 327 -11.51 -7.91 18.54
C ASN A 327 -12.00 -7.34 17.21
N HIS A 328 -11.13 -6.59 16.52
CA HIS A 328 -11.52 -5.95 15.27
C HIS A 328 -10.28 -5.72 14.41
N LEU A 329 -9.41 -4.79 14.86
CA LEU A 329 -8.22 -4.41 14.10
C LEU A 329 -7.37 -5.61 13.70
N GLU A 330 -7.10 -6.51 14.65
CA GLU A 330 -6.16 -7.58 14.41
C GLU A 330 -6.62 -8.55 13.32
N ASN A 331 -7.92 -8.56 13.00
CA ASN A 331 -8.44 -9.50 12.01
C ASN A 331 -9.04 -8.83 10.79
N ARG A 332 -8.97 -7.51 10.68
CA ARG A 332 -9.27 -6.83 9.42
C ARG A 332 -8.13 -7.04 8.43
N ILE A 333 -8.47 -7.16 7.14
CA ILE A 333 -7.43 -7.34 6.13
C ILE A 333 -6.34 -6.27 6.30
N ALA A 334 -6.75 -5.02 6.48
CA ALA A 334 -5.93 -3.88 6.90
C ALA A 334 -6.90 -2.75 7.23
N ASP A 335 -6.65 -2.03 8.31
CA ASP A 335 -7.56 -0.99 8.77
C ASP A 335 -6.84 0.34 8.59
N ASN A 336 -7.17 1.05 7.49
CA ASN A 336 -6.28 2.06 6.92
C ASN A 336 -5.90 3.14 7.94
N HIS A 337 -6.89 3.82 8.53
CA HIS A 337 -6.55 4.92 9.42
C HIS A 337 -5.72 4.45 10.61
N VAL A 338 -5.96 3.22 11.07
CA VAL A 338 -5.24 2.71 12.23
C VAL A 338 -3.79 2.43 11.86
N TRP A 339 -3.58 1.73 10.74
CA TRP A 339 -2.22 1.46 10.29
C TRP A 339 -1.49 2.75 9.97
N GLN A 340 -2.17 3.70 9.34
CA GLN A 340 -1.51 4.93 8.94
C GLN A 340 -1.04 5.74 10.14
N MET A 341 -1.94 6.00 11.09
CA MET A 341 -1.61 6.93 12.16
C MET A 341 -2.10 6.54 13.56
N THR A 342 -3.32 6.03 13.70
CA THR A 342 -3.88 6.02 15.05
C THR A 342 -3.28 4.91 15.92
N PHE A 343 -2.83 3.79 15.32
CA PHE A 343 -2.17 2.74 16.10
C PHE A 343 -0.89 3.25 16.76
N ARG A 344 -0.05 3.94 15.97
CA ARG A 344 1.16 4.54 16.52
C ARG A 344 0.83 5.50 17.65
N ILE A 345 -0.26 6.27 17.50
CA ILE A 345 -0.64 7.26 18.51
C ILE A 345 -1.10 6.57 19.79
N LEU A 346 -1.84 5.46 19.67
CA LEU A 346 -2.18 4.72 20.89
C LEU A 346 -0.93 4.14 21.54
N THR A 347 -0.02 3.58 20.73
CA THR A 347 1.19 2.96 21.28
C THR A 347 1.98 3.97 22.10
N MET A 348 2.14 5.19 21.57
CA MET A 348 2.97 6.16 22.26
C MET A 348 2.28 6.71 23.50
N ALA A 349 0.96 6.88 23.44
CA ALA A 349 0.21 7.26 24.64
C ALA A 349 0.30 6.18 25.71
N ALA A 350 0.27 4.91 25.31
CA ALA A 350 0.37 3.82 26.26
C ALA A 350 1.72 3.80 26.96
N PHE A 351 2.81 3.83 26.19
CA PHE A 351 4.12 3.84 26.84
C PHE A 351 4.41 5.16 27.55
N ALA A 352 3.75 6.26 27.17
CA ALA A 352 3.92 7.50 27.92
C ALA A 352 3.42 7.35 29.35
N THR A 353 2.32 6.59 29.55
CA THR A 353 1.61 6.57 30.81
C THR A 353 1.62 5.20 31.51
N VAL A 354 2.32 4.21 30.98
CA VAL A 354 2.30 2.88 31.60
C VAL A 354 2.91 2.96 33.00
N GLY A 355 2.28 2.27 33.95
CA GLY A 355 2.67 2.38 35.34
C GLY A 355 2.14 3.60 36.06
N GLU A 356 1.49 4.53 35.35
CA GLU A 356 0.91 5.73 35.95
C GLU A 356 -0.60 5.74 35.89
N ILE A 357 -1.19 5.26 34.82
CA ILE A 357 -2.63 5.02 34.77
C ILE A 357 -2.84 3.53 34.47
N PRO A 358 -3.81 2.88 35.12
CA PRO A 358 -3.93 1.43 34.98
C PRO A 358 -4.33 0.99 33.59
N GLU A 359 -5.15 1.79 32.89
CA GLU A 359 -5.57 1.42 31.54
C GLU A 359 -4.39 1.14 30.63
N ALA A 360 -3.27 1.84 30.85
CA ALA A 360 -2.14 1.75 29.93
C ALA A 360 -1.48 0.38 29.96
N SER A 361 -1.68 -0.42 31.02
CA SER A 361 -1.13 -1.77 31.02
C SER A 361 -1.78 -2.62 29.95
N VAL A 362 -3.09 -2.49 29.79
CA VAL A 362 -3.77 -3.23 28.72
C VAL A 362 -3.32 -2.71 27.35
N TRP A 363 -3.22 -1.39 27.21
CA TRP A 363 -2.89 -0.82 25.90
C TRP A 363 -1.50 -1.23 25.46
N THR A 364 -0.51 -1.18 26.36
CA THR A 364 0.84 -1.61 25.98
C THR A 364 0.87 -3.08 25.61
N ASP A 365 0.17 -3.91 26.37
CA ASP A 365 0.03 -5.33 26.06
C ASP A 365 -0.51 -5.51 24.65
N TYR A 366 -1.62 -4.85 24.34
CA TYR A 366 -2.26 -5.00 23.03
C TYR A 366 -1.34 -4.51 21.91
N CYS A 367 -0.80 -3.30 22.06
CA CYS A 367 -0.08 -2.66 20.96
C CYS A 367 1.23 -3.39 20.69
N TYR A 368 1.98 -3.70 21.76
CA TYR A 368 3.25 -4.39 21.57
C TYR A 368 3.04 -5.73 20.89
N ASN A 369 2.07 -6.51 21.36
CA ASN A 369 1.83 -7.84 20.78
C ASN A 369 1.21 -7.75 19.38
N GLU A 370 0.37 -6.74 19.11
CA GLU A 370 -0.19 -6.67 17.77
C GLU A 370 0.87 -6.29 16.74
N TRP A 371 1.78 -5.38 17.10
CA TRP A 371 2.87 -5.07 16.17
C TRP A 371 3.68 -6.33 15.86
N ILE A 372 4.08 -7.06 16.91
CA ILE A 372 4.88 -8.27 16.71
C ILE A 372 4.08 -9.28 15.90
N SER A 373 2.76 -9.35 16.13
CA SER A 373 1.92 -10.38 15.51
C SER A 373 1.93 -10.26 13.98
N ARG A 374 1.77 -9.04 13.45
CA ARG A 374 1.55 -8.95 12.01
C ARG A 374 1.99 -7.65 11.35
N LEU A 375 2.59 -6.70 12.05
CA LEU A 375 3.12 -5.51 11.42
C LEU A 375 4.64 -5.58 11.36
N PRO A 376 5.29 -4.81 10.46
CA PRO A 376 4.72 -3.88 9.48
C PRO A 376 4.19 -4.55 8.20
N GLY A 377 3.23 -3.88 7.58
CA GLY A 377 2.80 -4.21 6.23
C GLY A 377 1.86 -5.39 6.19
N LEU A 378 1.19 -5.52 5.03
CA LEU A 378 0.31 -6.64 4.75
C LEU A 378 0.99 -7.66 3.84
N HIS A 379 1.45 -7.22 2.68
CA HIS A 379 2.13 -8.08 1.73
C HIS A 379 3.58 -8.24 2.18
N LYS A 380 3.99 -9.48 2.45
CA LYS A 380 5.32 -9.67 3.05
C LYS A 380 6.45 -9.56 2.03
N ASP A 381 6.15 -9.33 0.75
CA ASP A 381 7.17 -9.02 -0.24
C ASP A 381 7.61 -7.56 -0.22
N GLY A 382 7.02 -6.73 0.63
CA GLY A 382 7.42 -5.34 0.77
C GLY A 382 6.59 -4.34 0.00
N GLY A 383 5.69 -4.78 -0.89
CA GLY A 383 4.87 -3.82 -1.60
C GLY A 383 3.77 -3.26 -0.71
N TRP A 384 3.28 -2.07 -1.07
CA TRP A 384 2.22 -1.42 -0.29
C TRP A 384 0.86 -1.74 -0.90
N HIS A 385 -0.02 -2.37 -0.09
CA HIS A 385 -1.28 -2.92 -0.59
C HIS A 385 -2.21 -1.84 -1.13
N ASN A 386 -2.18 -0.63 -0.55
CA ASN A 386 -3.12 0.41 -0.91
C ASN A 386 -2.54 1.41 -1.91
N GLY A 387 -1.34 1.19 -2.42
CA GLY A 387 -0.89 1.97 -3.55
C GLY A 387 -0.03 3.16 -3.17
N ASP A 388 0.22 3.98 -4.19
CA ASP A 388 1.34 4.93 -4.20
C ASP A 388 1.16 6.02 -3.14
N ALA A 389 -0.01 6.66 -3.12
CA ALA A 389 -0.23 7.77 -2.20
C ALA A 389 -0.44 7.27 -0.77
N ALA A 390 -1.15 6.16 -0.59
CA ALA A 390 -1.43 5.65 0.75
C ALA A 390 -0.14 5.32 1.50
N PHE A 391 0.89 4.83 0.78
CA PHE A 391 2.14 4.47 1.43
C PHE A 391 2.71 5.62 2.26
N HIS A 392 2.64 6.84 1.74
CA HIS A 392 3.26 7.98 2.42
C HIS A 392 2.59 8.29 3.76
N VAL A 393 1.30 7.99 3.90
CA VAL A 393 0.59 8.24 5.16
C VAL A 393 1.02 7.27 6.26
N ASN A 394 1.79 6.24 5.91
CA ASN A 394 2.27 5.26 6.86
C ASN A 394 3.70 5.51 7.31
N ILE A 395 4.37 6.54 6.78
CA ILE A 395 5.83 6.62 6.90
C ILE A 395 6.26 6.75 8.36
N ARG A 396 5.61 7.64 9.13
CA ARG A 396 6.04 7.79 10.51
C ARG A 396 5.71 6.55 11.33
N THR A 397 4.60 5.86 11.03
CA THR A 397 4.33 4.62 11.74
C THR A 397 5.41 3.58 11.45
N LEU A 398 5.79 3.44 10.18
CA LEU A 398 6.73 2.40 9.77
C LEU A 398 8.12 2.59 10.36
N ILE A 399 8.51 3.81 10.70
CA ILE A 399 9.82 4.07 11.29
C ILE A 399 9.74 4.30 12.80
N GLU A 400 8.85 5.20 13.25
CA GLU A 400 8.91 5.63 14.65
C GLU A 400 8.55 4.50 15.61
N VAL A 401 7.61 3.62 15.25
CA VAL A 401 7.23 2.55 16.17
C VAL A 401 8.42 1.62 16.37
N PRO A 402 9.04 1.07 15.32
CA PRO A 402 10.19 0.16 15.58
C PRO A 402 11.43 0.89 16.10
N VAL A 403 11.61 2.17 15.78
CA VAL A 403 12.72 2.88 16.40
C VAL A 403 12.54 2.93 17.91
N PHE A 404 11.32 3.24 18.35
CA PHE A 404 11.01 3.30 19.77
C PHE A 404 11.10 1.93 20.42
N PHE A 405 10.43 0.92 19.85
CA PHE A 405 10.50 -0.42 20.42
C PHE A 405 11.95 -0.88 20.53
N SER A 406 12.77 -0.58 19.51
CA SER A 406 14.16 -1.06 19.50
C SER A 406 14.99 -0.43 20.61
N ARG A 407 14.81 0.87 20.87
CA ARG A 407 15.68 1.47 21.88
C ARG A 407 15.25 1.11 23.30
N ILE A 408 13.95 0.92 23.56
CA ILE A 408 13.54 0.54 24.91
C ILE A 408 13.67 -0.94 25.16
N SER A 409 13.93 -1.75 24.13
CA SER A 409 14.04 -3.19 24.26
C SER A 409 15.46 -3.71 24.16
N GLY A 410 16.36 -2.97 23.51
CA GLY A 410 17.66 -3.50 23.17
C GLY A 410 17.66 -4.49 22.03
N PHE A 411 16.53 -4.61 21.33
CA PHE A 411 16.34 -5.59 20.27
C PHE A 411 16.05 -4.87 18.96
N ASN A 412 16.58 -5.41 17.86
CA ASN A 412 16.49 -4.71 16.58
C ASN A 412 15.22 -5.14 15.86
N PHE A 413 14.15 -4.34 15.99
CA PHE A 413 12.89 -4.64 15.31
C PHE A 413 12.97 -4.45 13.80
N PHE A 414 14.00 -3.76 13.28
CA PHE A 414 14.20 -3.63 11.85
C PHE A 414 14.81 -4.87 11.22
N ALA A 415 15.14 -5.90 12.00
CA ALA A 415 15.57 -7.16 11.42
C ALA A 415 14.43 -7.89 10.69
N ASP A 416 13.17 -7.48 10.86
CA ASP A 416 12.09 -8.03 10.05
C ASP A 416 12.44 -7.86 8.57
N PRO A 417 12.49 -8.95 7.79
CA PRO A 417 12.88 -8.83 6.37
C PRO A 417 11.95 -7.96 5.56
N TRP A 418 10.78 -7.58 6.09
CA TRP A 418 9.88 -6.70 5.34
C TRP A 418 10.58 -5.42 4.93
N TYR A 419 11.45 -4.89 5.79
CA TYR A 419 12.01 -3.56 5.54
C TYR A 419 12.97 -3.56 4.36
N ASN A 420 13.89 -4.52 4.29
CA ASN A 420 14.75 -4.60 3.13
C ASN A 420 13.93 -4.87 1.87
N ASN A 421 12.86 -5.67 1.98
CA ASN A 421 11.99 -5.86 0.83
C ASN A 421 11.32 -4.56 0.40
N ASN A 422 10.82 -3.80 1.39
CA ASN A 422 10.12 -2.55 1.10
C ASN A 422 11.05 -1.50 0.51
N ALA A 423 12.35 -1.56 0.82
CA ALA A 423 13.29 -0.64 0.20
C ALA A 423 13.23 -0.71 -1.33
N LEU A 424 13.13 -1.94 -1.88
CA LEU A 424 12.97 -2.09 -3.33
C LEU A 424 11.65 -1.52 -3.82
N TYR A 425 10.56 -1.72 -3.07
CA TYR A 425 9.28 -1.11 -3.45
C TYR A 425 9.41 0.41 -3.57
N VAL A 426 10.08 1.04 -2.60
CA VAL A 426 10.23 2.50 -2.62
C VAL A 426 10.89 2.95 -3.92
N ILE A 427 11.91 2.22 -4.37
CA ILE A 427 12.66 2.64 -5.55
C ILE A 427 11.90 2.33 -6.84
N TYR A 428 11.44 1.08 -6.98
CA TYR A 428 10.82 0.67 -8.24
C TYR A 428 9.46 1.33 -8.45
N GLN A 429 8.66 1.48 -7.39
CA GLN A 429 7.33 2.05 -7.60
C GLN A 429 7.37 3.53 -7.97
N GLN A 430 8.41 4.26 -7.57
CA GLN A 430 8.57 5.64 -8.01
C GLN A 430 10.05 5.97 -8.11
N PRO A 431 10.67 5.72 -9.26
CA PRO A 431 12.09 5.99 -9.47
C PRO A 431 12.40 7.47 -9.30
N PRO A 432 13.68 7.83 -9.19
CA PRO A 432 14.04 9.24 -8.99
C PRO A 432 13.39 10.14 -10.02
N PHE A 433 12.79 11.23 -9.53
CA PHE A 433 12.22 12.29 -10.37
C PHE A 433 11.20 11.75 -11.36
N SER A 434 10.48 10.68 -10.98
CA SER A 434 9.57 10.02 -11.89
C SER A 434 8.16 9.92 -11.31
N LYS A 435 7.19 9.84 -12.23
CA LYS A 435 5.80 9.55 -11.92
C LYS A 435 5.66 8.18 -11.28
N SER A 436 4.81 8.08 -10.26
CA SER A 436 4.63 6.79 -9.62
C SER A 436 3.94 5.80 -10.56
N GLY A 437 4.08 4.52 -10.24
CA GLY A 437 3.60 3.42 -11.09
C GLY A 437 2.10 3.42 -11.37
N GLY A 438 1.29 4.10 -10.57
CA GLY A 438 -0.11 4.26 -10.91
C GLY A 438 -1.12 3.36 -10.20
N HIS A 439 -0.90 3.07 -8.93
CA HIS A 439 -1.76 2.18 -8.18
C HIS A 439 -2.34 2.91 -6.97
N GLY A 440 -3.61 2.61 -6.65
CA GLY A 440 -4.26 3.12 -5.46
C GLY A 440 -4.87 4.51 -5.64
N ASN A 441 -5.81 4.84 -4.74
CA ASN A 441 -6.46 6.14 -4.74
C ASN A 441 -5.42 7.26 -4.78
N SER A 442 -5.70 8.30 -5.60
CA SER A 442 -4.87 9.49 -5.77
C SER A 442 -3.51 9.18 -6.37
N HIS A 443 -3.40 8.08 -7.11
CA HIS A 443 -2.14 7.77 -7.80
C HIS A 443 -1.72 8.86 -8.77
N GLU A 444 -2.70 9.53 -9.40
CA GLU A 444 -2.38 10.45 -10.49
C GLU A 444 -1.64 11.70 -10.01
N GLY A 445 -1.67 12.00 -8.71
CA GLY A 445 -0.99 13.14 -8.16
C GLY A 445 0.43 12.91 -7.70
N GLN A 446 0.89 11.66 -7.75
CA GLN A 446 2.22 11.29 -7.28
C GLN A 446 3.18 11.40 -8.45
N ARG A 447 3.72 12.62 -8.65
CA ARG A 447 4.46 12.94 -9.87
C ARG A 447 5.97 12.88 -9.71
N SER A 448 6.50 13.03 -8.49
CA SER A 448 7.94 12.95 -8.27
C SER A 448 8.18 12.69 -6.79
N PRO A 449 9.17 11.87 -6.43
CA PRO A 449 9.40 11.55 -5.01
C PRO A 449 9.45 12.81 -4.15
N ASN A 450 8.70 12.80 -3.05
CA ASN A 450 8.65 13.99 -2.20
C ASN A 450 9.56 13.79 -0.98
N GLY A 451 9.72 14.88 -0.21
CA GLY A 451 10.66 14.84 0.90
C GLY A 451 10.33 13.75 1.91
N GLY A 452 9.04 13.46 2.10
CA GLY A 452 8.69 12.39 3.02
C GLY A 452 9.21 11.04 2.56
N ARG A 453 9.11 10.78 1.26
CA ARG A 453 9.63 9.52 0.72
C ARG A 453 11.13 9.43 0.87
N ILE A 454 11.84 10.54 0.63
CA ILE A 454 13.29 10.53 0.80
C ILE A 454 13.66 10.37 2.27
N GLY A 455 12.92 11.01 3.18
CA GLY A 455 13.18 10.84 4.60
C GLY A 455 12.95 9.41 5.06
N TYR A 456 11.95 8.74 4.49
CA TYR A 456 11.74 7.32 4.80
C TYR A 456 12.90 6.48 4.28
N ALA A 457 13.30 6.69 3.02
CA ALA A 457 14.40 5.91 2.46
C ALA A 457 15.68 6.12 3.26
N ASP A 458 15.90 7.35 3.71
CA ASP A 458 17.02 7.67 4.59
C ASP A 458 16.97 6.86 5.89
N ALA A 459 15.79 6.78 6.52
CA ALA A 459 15.69 5.98 7.74
C ALA A 459 15.97 4.50 7.46
N LEU A 460 15.49 3.98 6.32
CA LEU A 460 15.80 2.58 5.99
C LEU A 460 17.28 2.40 5.77
N ALA A 461 17.92 3.37 5.11
CA ALA A 461 19.36 3.31 4.90
C ALA A 461 20.10 3.18 6.23
N ARG A 462 19.73 4.01 7.21
CA ARG A 462 20.41 4.02 8.49
C ARG A 462 20.05 2.82 9.35
N GLU A 463 18.77 2.47 9.43
CA GLU A 463 18.33 1.43 10.36
C GLU A 463 18.57 0.03 9.83
N CYS A 464 18.69 -0.13 8.51
CA CYS A 464 18.87 -1.43 7.89
C CYS A 464 20.20 -1.55 7.18
N ASN A 465 20.99 -0.47 7.14
CA ASN A 465 22.24 -0.41 6.37
C ASN A 465 22.00 -0.87 4.94
N ASN A 466 20.90 -0.37 4.36
CA ASN A 466 20.46 -0.85 3.06
C ASN A 466 21.10 0.02 1.98
N PRO A 467 21.99 -0.54 1.16
CA PRO A 467 22.71 0.30 0.19
C PRO A 467 21.85 0.83 -0.94
N TRP A 468 20.76 0.13 -1.29
CA TRP A 468 19.89 0.64 -2.34
C TRP A 468 19.10 1.85 -1.85
N ALA A 469 18.56 1.77 -0.63
CA ALA A 469 17.94 2.94 -0.04
C ALA A 469 18.94 4.09 0.06
N ALA A 470 20.18 3.79 0.46
CA ALA A 470 21.20 4.83 0.55
C ALA A 470 21.45 5.45 -0.82
N ALA A 471 21.52 4.62 -1.87
CA ALA A 471 21.74 5.13 -3.22
C ALA A 471 20.57 6.02 -3.69
N TYR A 472 19.35 5.64 -3.33
CA TYR A 472 18.17 6.44 -3.70
C TYR A 472 18.24 7.82 -3.08
N VAL A 473 18.56 7.89 -1.78
CA VAL A 473 18.72 9.18 -1.10
C VAL A 473 19.84 10.00 -1.75
N HIS A 474 21.02 9.40 -1.90
CA HIS A 474 22.16 10.20 -2.31
C HIS A 474 22.05 10.64 -3.76
N GLU A 475 21.61 9.74 -4.65
CA GLU A 475 21.48 10.16 -6.04
C GLU A 475 20.38 11.20 -6.23
N ILE A 476 19.31 11.14 -5.43
CA ILE A 476 18.28 12.15 -5.53
C ILE A 476 18.73 13.47 -4.91
N MET A 477 19.40 13.40 -3.75
CA MET A 477 19.82 14.64 -3.11
C MET A 477 20.94 15.33 -3.88
N GLN A 478 21.69 14.61 -4.73
CA GLN A 478 22.68 15.30 -5.53
C GLN A 478 22.02 16.19 -6.59
N GLU A 479 20.93 15.71 -7.21
CA GLU A 479 20.21 16.54 -8.17
C GLU A 479 19.38 17.62 -7.47
N ASP A 480 18.84 17.32 -6.29
CA ASP A 480 17.96 18.26 -5.58
C ASP A 480 18.35 18.24 -4.11
N PRO A 481 19.31 19.09 -3.72
CA PRO A 481 19.83 19.03 -2.35
C PRO A 481 18.82 19.50 -1.30
N ASP A 482 17.78 20.22 -1.68
CA ASP A 482 16.79 20.73 -0.73
C ASP A 482 15.52 19.87 -0.70
N ILE A 483 15.60 18.62 -1.17
CA ILE A 483 14.40 17.80 -1.34
C ILE A 483 13.67 17.61 -0.01
N LEU A 484 14.42 17.46 1.09
CA LEU A 484 13.77 17.17 2.38
C LEU A 484 12.92 18.32 2.88
N SER A 485 13.12 19.54 2.38
CA SER A 485 12.34 20.69 2.80
C SER A 485 11.29 21.12 1.77
N LYS A 486 11.17 20.40 0.66
CA LYS A 486 10.14 20.70 -0.32
C LYS A 486 8.77 20.23 0.20
N ALA A 487 7.74 20.53 -0.57
CA ALA A 487 6.37 20.36 -0.09
C ALA A 487 5.98 18.88 -0.06
N PHE A 488 5.38 18.48 1.07
CA PHE A 488 4.66 17.23 1.20
C PHE A 488 3.82 17.36 2.47
N GLU A 489 2.84 16.48 2.62
CA GLU A 489 2.02 16.52 3.82
C GLU A 489 2.83 15.99 4.99
N ALA A 490 3.18 16.88 5.92
CA ALA A 490 4.12 16.55 6.99
C ALA A 490 3.49 15.68 8.07
N LYS A 491 2.19 15.81 8.31
CA LYS A 491 1.57 15.17 9.47
C LYS A 491 1.87 13.67 9.58
N PRO A 492 1.71 12.85 8.55
CA PRO A 492 1.99 11.41 8.70
C PRO A 492 3.38 10.97 8.26
N ALA A 493 4.23 11.88 7.75
CA ALA A 493 5.44 11.46 7.05
C ALA A 493 6.73 12.17 7.45
N ASP A 494 6.65 13.32 8.13
CA ASP A 494 7.87 14.10 8.42
C ASP A 494 8.74 13.38 9.44
N LEU A 495 9.98 13.06 9.07
CA LEU A 495 10.91 12.37 9.95
C LEU A 495 12.00 13.29 10.48
N THR A 496 11.75 14.62 10.50
CA THR A 496 12.73 15.55 11.05
C THR A 496 13.11 15.20 12.47
N TRP A 497 12.14 14.88 13.34
CA TRP A 497 12.47 14.59 14.73
C TRP A 497 13.30 13.32 14.87
N TYR A 498 13.02 12.31 14.04
CA TYR A 498 13.87 11.13 13.99
C TYR A 498 15.31 11.53 13.67
N ARG A 499 15.50 12.39 12.67
CA ARG A 499 16.84 12.81 12.29
C ARG A 499 17.52 13.65 13.38
N CYS A 500 16.75 14.42 14.17
CA CYS A 500 17.36 15.13 15.29
C CYS A 500 17.78 14.20 16.42
N THR A 501 17.18 13.02 16.54
CA THR A 501 17.40 12.21 17.74
C THR A 501 18.18 10.93 17.50
N THR A 502 18.25 10.43 16.27
CA THR A 502 18.95 9.17 16.05
C THR A 502 20.46 9.37 16.23
N PRO A 503 21.16 8.39 16.84
CA PRO A 503 22.62 8.43 16.87
C PRO A 503 23.28 7.92 15.60
N LYS A 504 22.50 7.38 14.66
CA LYS A 504 23.03 6.78 13.44
C LYS A 504 23.26 7.81 12.35
N GLU A 505 24.34 7.62 11.59
CA GLU A 505 24.69 8.44 10.44
C GLU A 505 24.16 7.84 9.15
N ARG A 506 24.07 8.67 8.11
CA ARG A 506 23.82 8.13 6.77
C ARG A 506 24.97 7.22 6.38
N PRO A 507 24.72 6.01 5.91
CA PRO A 507 25.83 5.18 5.43
C PRO A 507 26.45 5.80 4.20
N ALA A 508 27.70 5.42 3.95
CA ALA A 508 28.39 5.89 2.75
C ALA A 508 27.71 5.35 1.50
N TYR A 509 27.57 6.22 0.49
CA TYR A 509 27.15 5.82 -0.85
C TYR A 509 28.04 4.70 -1.36
N SER A 510 27.44 3.57 -1.71
CA SER A 510 28.19 2.45 -2.27
C SER A 510 27.58 2.06 -3.61
N LYS A 511 26.52 1.25 -3.58
CA LYS A 511 25.82 0.85 -4.79
C LYS A 511 25.25 2.05 -5.53
N HIS A 512 25.24 1.97 -6.86
CA HIS A 512 24.49 2.89 -7.71
C HIS A 512 23.16 2.27 -8.08
N LEU A 513 22.15 3.13 -8.29
CA LEU A 513 20.84 2.63 -8.70
C LEU A 513 20.94 1.88 -10.03
N SER A 514 21.90 2.25 -10.88
CA SER A 514 22.10 1.56 -12.15
C SER A 514 22.52 0.10 -11.97
N GLU A 515 22.88 -0.33 -10.77
CA GLU A 515 23.22 -1.73 -10.55
C GLU A 515 22.00 -2.58 -10.20
N LEU A 516 20.82 -1.98 -10.12
CA LEU A 516 19.61 -2.73 -9.86
C LEU A 516 19.21 -3.56 -11.08
N PRO A 517 18.57 -4.72 -10.86
CA PRO A 517 17.91 -5.42 -11.95
C PRO A 517 16.90 -4.51 -12.65
N GLU A 518 16.78 -4.70 -13.96
CA GLU A 518 15.87 -3.89 -14.78
C GLU A 518 14.42 -4.06 -14.33
N SER A 519 14.07 -5.21 -13.77
CA SER A 519 12.70 -5.55 -13.48
C SER A 519 12.56 -6.10 -12.06
N LYS A 520 11.39 -5.88 -11.47
CA LYS A 520 11.12 -6.33 -10.10
C LYS A 520 9.67 -6.75 -10.00
N VAL A 521 9.44 -7.95 -9.51
CA VAL A 521 8.09 -8.48 -9.37
C VAL A 521 7.78 -8.66 -7.90
N PHE A 522 6.64 -8.13 -7.45
CA PHE A 522 6.15 -8.35 -6.09
C PHE A 522 5.02 -9.37 -6.18
N LYS A 523 5.35 -10.64 -5.92
CA LYS A 523 4.40 -11.72 -6.20
C LYS A 523 3.19 -11.68 -5.27
N GLN A 524 3.39 -11.35 -3.99
CA GLN A 524 2.24 -11.33 -3.08
C GLN A 524 1.43 -10.04 -3.22
N THR A 525 2.11 -8.91 -3.43
CA THR A 525 1.43 -7.66 -3.75
C THR A 525 0.70 -7.76 -5.09
N GLY A 526 1.25 -8.53 -6.01
CA GLY A 526 0.69 -8.67 -7.34
C GLY A 526 1.02 -7.52 -8.25
N THR A 527 2.25 -7.03 -8.22
CA THR A 527 2.64 -5.94 -9.10
C THR A 527 4.01 -6.24 -9.69
N ALA A 528 4.31 -5.55 -10.79
CA ALA A 528 5.62 -5.67 -11.42
C ALA A 528 6.00 -4.34 -12.02
N LEU A 529 7.30 -4.02 -11.96
CA LEU A 529 7.86 -2.83 -12.57
C LEU A 529 8.99 -3.24 -13.51
N MET A 530 8.93 -2.77 -14.76
CA MET A 530 9.94 -3.05 -15.76
C MET A 530 10.56 -1.74 -16.24
N ASN A 531 11.90 -1.72 -16.34
CA ASN A 531 12.63 -0.49 -16.61
C ASN A 531 13.78 -0.78 -17.56
N THR A 532 13.98 0.11 -18.54
CA THR A 532 15.15 0.05 -19.42
C THR A 532 16.36 0.77 -18.85
N ASP A 533 16.17 1.69 -17.92
CA ASP A 533 17.25 2.51 -17.39
C ASP A 533 16.86 3.15 -16.06
N ILE A 534 16.58 2.31 -15.06
CA ILE A 534 16.08 2.87 -13.80
C ILE A 534 17.12 3.77 -13.16
N GLY A 535 18.40 3.51 -13.42
CA GLY A 535 19.47 4.32 -12.85
C GLY A 535 19.73 5.64 -13.53
N HIS A 536 19.02 5.96 -14.64
CA HIS A 536 19.14 7.24 -15.34
C HIS A 536 17.72 7.63 -15.75
N HIS A 537 16.99 8.18 -14.78
CA HIS A 537 15.54 8.32 -14.89
C HIS A 537 15.10 9.01 -16.16
N ALA A 538 15.84 10.02 -16.62
CA ALA A 538 15.44 10.77 -17.81
C ALA A 538 15.50 9.93 -19.08
N ASN A 539 16.20 8.80 -19.07
CA ASN A 539 16.32 7.91 -20.22
C ASN A 539 15.49 6.64 -20.06
N ASN A 540 14.68 6.55 -19.00
CA ASN A 540 14.05 5.29 -18.59
C ASN A 540 12.69 5.09 -19.28
N ALA A 541 12.58 4.01 -20.04
CA ALA A 541 11.29 3.51 -20.53
C ALA A 541 10.76 2.50 -19.50
N MET A 542 9.59 2.78 -18.95
CA MET A 542 9.06 2.06 -17.80
C MET A 542 7.66 1.53 -18.09
N LEU A 543 7.37 0.32 -17.57
CA LEU A 543 6.03 -0.25 -17.60
C LEU A 543 5.67 -0.77 -16.21
N SER A 544 4.48 -0.47 -15.74
CA SER A 544 3.97 -1.03 -14.49
C SER A 544 2.78 -1.93 -14.76
N PHE A 545 2.55 -2.89 -13.85
CA PHE A 545 1.57 -3.94 -14.06
C PHE A 545 0.98 -4.34 -12.72
N ARG A 546 -0.31 -4.70 -12.72
CA ARG A 546 -0.95 -5.18 -11.50
C ARG A 546 -1.91 -6.32 -11.81
N SER A 547 -1.84 -7.37 -10.97
CA SER A 547 -2.81 -8.46 -10.95
C SER A 547 -2.71 -9.05 -9.55
N SER A 548 -3.64 -8.67 -8.66
CA SER A 548 -3.33 -8.68 -7.23
C SER A 548 -4.36 -9.45 -6.40
N PRO A 549 -3.93 -10.32 -5.48
CA PRO A 549 -4.87 -11.03 -4.60
C PRO A 549 -5.63 -10.11 -3.65
N TYR A 550 -5.20 -8.86 -3.50
CA TYR A 550 -5.93 -7.90 -2.69
C TYR A 550 -7.19 -7.40 -3.40
N GLY A 551 -7.27 -7.58 -4.71
CA GLY A 551 -8.41 -7.12 -5.46
C GLY A 551 -8.56 -5.61 -5.43
N SER A 552 -9.82 -5.17 -5.34
CA SER A 552 -10.19 -3.77 -5.51
C SER A 552 -10.87 -3.20 -4.27
N THR A 553 -10.53 -3.71 -3.09
CA THR A 553 -11.11 -3.15 -1.88
C THR A 553 -10.27 -1.96 -1.40
N SER A 554 -10.75 -1.29 -0.36
CA SER A 554 -10.02 -0.26 0.40
C SER A 554 -9.56 0.82 -0.59
N ALA A 555 -8.27 1.14 -0.71
CA ALA A 555 -7.83 2.19 -1.60
C ALA A 555 -7.33 1.67 -2.95
N ALA A 556 -7.31 0.36 -3.13
CA ALA A 556 -6.89 -0.26 -4.39
C ALA A 556 -7.99 -0.12 -5.44
N LEU A 557 -7.59 -0.28 -6.71
CA LEU A 557 -8.47 -0.04 -7.85
C LEU A 557 -8.89 -1.37 -8.48
N ALA A 558 -9.89 -1.32 -9.36
CA ALA A 558 -10.35 -2.52 -10.09
C ALA A 558 -9.59 -2.63 -11.41
N ASN A 559 -8.28 -2.83 -11.30
CA ASN A 559 -7.35 -2.74 -12.42
C ASN A 559 -6.54 -4.02 -12.62
N GLN A 560 -7.13 -5.17 -12.34
CA GLN A 560 -6.38 -6.41 -12.53
C GLN A 560 -6.01 -6.54 -14.00
N ASN A 561 -4.75 -6.92 -14.25
CA ASN A 561 -4.15 -7.09 -15.57
C ASN A 561 -4.03 -5.78 -16.33
N ALA A 562 -4.08 -4.66 -15.61
CA ALA A 562 -3.83 -3.35 -16.22
C ALA A 562 -2.34 -3.05 -16.23
N PHE A 563 -1.88 -2.35 -17.28
CA PHE A 563 -0.53 -1.82 -17.32
C PHE A 563 -0.59 -0.31 -17.48
N ASN A 564 0.55 0.34 -17.20
CA ASN A 564 0.79 1.75 -17.49
C ASN A 564 2.19 1.87 -18.07
N THR A 565 2.41 2.91 -18.89
CA THR A 565 3.73 3.13 -19.50
C THR A 565 4.23 4.53 -19.22
N PHE A 566 5.56 4.67 -19.21
CA PHE A 566 6.21 5.91 -18.86
C PHE A 566 7.50 6.03 -19.66
N PHE A 567 7.86 7.26 -20.01
CA PHE A 567 9.22 7.51 -20.46
C PHE A 567 9.77 8.73 -19.75
N GLY A 568 11.02 8.62 -19.30
CA GLY A 568 11.68 9.74 -18.65
C GLY A 568 10.95 10.21 -17.42
N GLY A 569 10.19 9.33 -16.79
CA GLY A 569 9.48 9.68 -15.59
C GLY A 569 8.14 10.36 -15.79
N LYS A 570 7.60 10.36 -17.01
CA LYS A 570 6.29 10.92 -17.27
C LYS A 570 5.43 9.90 -18.02
N ALA A 571 4.16 9.79 -17.60
CA ALA A 571 3.30 8.73 -18.10
C ALA A 571 2.87 9.00 -19.55
N ILE A 572 2.56 7.91 -20.28
CA ILE A 572 1.82 8.03 -21.54
C ILE A 572 0.52 7.24 -21.42
N PHE A 573 0.56 5.91 -21.59
CA PHE A 573 -0.65 5.11 -21.35
C PHE A 573 -0.85 4.98 -19.85
N TYR A 574 -2.02 5.42 -19.35
CA TYR A 574 -2.14 5.64 -17.91
C TYR A 574 -3.59 5.60 -17.46
N SER A 575 -3.84 4.89 -16.33
CA SER A 575 -5.16 4.81 -15.72
C SER A 575 -5.81 6.18 -15.57
N SER A 576 -7.07 6.29 -15.99
CA SER A 576 -7.74 7.57 -16.13
C SER A 576 -8.67 7.85 -14.95
N GLY A 577 -9.29 9.03 -14.97
CA GLY A 577 -10.17 9.45 -13.89
C GLY A 577 -9.45 10.25 -12.81
N HIS A 578 -10.26 10.80 -11.88
CA HIS A 578 -9.76 11.64 -10.80
C HIS A 578 -10.27 11.14 -9.46
N ARG A 579 -9.42 11.18 -8.44
CA ARG A 579 -9.82 10.77 -7.10
C ARG A 579 -10.62 11.92 -6.47
N THR A 580 -11.95 11.86 -6.63
CA THR A 580 -12.80 12.90 -6.06
C THR A 580 -13.32 12.55 -4.67
N GLY A 581 -13.14 11.31 -4.23
CA GLY A 581 -13.66 10.86 -2.96
C GLY A 581 -13.28 9.43 -2.69
N PHE A 582 -14.08 8.73 -1.88
CA PHE A 582 -13.88 7.31 -1.61
C PHE A 582 -14.91 6.42 -2.24
N THR A 583 -16.17 6.89 -2.35
CA THR A 583 -17.26 6.06 -2.81
C THR A 583 -18.19 6.77 -3.77
N ASP A 584 -17.84 7.95 -4.28
CA ASP A 584 -18.79 8.69 -5.10
C ASP A 584 -18.89 8.06 -6.49
N ASP A 585 -19.92 8.48 -7.24
CA ASP A 585 -20.22 7.88 -8.54
C ASP A 585 -19.03 7.95 -9.50
N HIS A 586 -18.32 9.09 -9.55
CA HIS A 586 -17.14 9.14 -10.41
C HIS A 586 -16.12 8.07 -10.00
N CYS A 587 -15.88 7.94 -8.69
CA CYS A 587 -14.94 6.93 -8.19
C CYS A 587 -15.35 5.54 -8.60
N MET A 588 -16.63 5.19 -8.37
CA MET A 588 -17.07 3.83 -8.60
C MET A 588 -17.23 3.48 -10.08
N TYR A 589 -17.61 4.45 -10.91
CA TYR A 589 -17.91 4.16 -12.32
C TYR A 589 -16.79 4.55 -13.27
N ALA A 590 -15.86 5.42 -12.86
CA ALA A 590 -14.94 6.00 -13.84
C ALA A 590 -13.53 6.18 -13.30
N TYR A 591 -13.22 5.71 -12.10
CA TYR A 591 -11.88 5.85 -11.54
C TYR A 591 -11.35 4.55 -10.95
N ARG A 592 -12.05 4.00 -9.94
CA ARG A 592 -11.77 2.63 -9.53
C ARG A 592 -12.14 1.65 -10.63
N ASN A 593 -13.27 1.90 -11.29
CA ASN A 593 -13.86 0.98 -12.26
C ASN A 593 -12.86 0.51 -13.30
N THR A 594 -12.99 -0.76 -13.70
CA THR A 594 -12.08 -1.31 -14.71
C THR A 594 -12.10 -0.50 -16.00
N ARG A 595 -13.22 0.16 -16.33
CA ARG A 595 -13.28 0.92 -17.58
C ARG A 595 -12.32 2.09 -17.61
N ALA A 596 -11.75 2.49 -16.48
CA ALA A 596 -10.77 3.58 -16.47
C ALA A 596 -9.35 3.11 -16.79
N HIS A 597 -9.10 1.82 -16.90
CA HIS A 597 -7.74 1.28 -16.91
C HIS A 597 -7.39 0.64 -18.24
N ASN A 598 -6.09 0.43 -18.43
CA ASN A 598 -5.57 -0.27 -19.60
C ASN A 598 -5.69 -1.79 -19.40
N SER A 599 -6.94 -2.27 -19.43
CA SER A 599 -7.21 -3.70 -19.26
C SER A 599 -8.31 -4.10 -20.25
N ILE A 600 -9.19 -5.03 -19.85
CA ILE A 600 -10.18 -5.63 -20.75
C ILE A 600 -11.56 -5.60 -20.10
N LEU A 601 -12.60 -5.30 -20.89
CA LEU A 601 -13.98 -5.44 -20.45
C LEU A 601 -14.66 -6.56 -21.23
N VAL A 602 -15.73 -7.10 -20.64
CA VAL A 602 -16.49 -8.23 -21.19
C VAL A 602 -17.92 -7.76 -21.41
N ASN A 603 -18.30 -7.57 -22.67
CA ASN A 603 -19.58 -6.92 -22.99
C ASN A 603 -19.68 -5.58 -22.27
N GLY A 604 -18.55 -4.88 -22.15
CA GLY A 604 -18.53 -3.61 -21.44
C GLY A 604 -18.53 -3.72 -19.93
N MET A 605 -18.56 -4.93 -19.38
CA MET A 605 -18.63 -5.11 -17.95
C MET A 605 -17.23 -5.24 -17.35
N GLY A 606 -17.10 -4.81 -16.09
CA GLY A 606 -15.81 -4.78 -15.45
C GLY A 606 -15.67 -5.64 -14.22
N GLN A 607 -14.60 -5.39 -13.45
CA GLN A 607 -14.28 -6.23 -12.31
C GLN A 607 -15.11 -5.89 -11.07
N LYS A 608 -15.43 -6.93 -10.31
CA LYS A 608 -16.15 -6.76 -9.06
C LYS A 608 -15.36 -5.87 -8.10
N ILE A 609 -16.09 -5.07 -7.33
CA ILE A 609 -15.49 -4.21 -6.32
C ILE A 609 -15.39 -5.01 -5.02
N GLY A 610 -14.16 -5.15 -4.50
CA GLY A 610 -13.89 -5.85 -3.25
C GLY A 610 -12.77 -6.87 -3.43
N THR A 611 -12.54 -7.66 -2.38
CA THR A 611 -11.54 -8.72 -2.45
C THR A 611 -11.90 -9.77 -3.50
N GLU A 612 -13.18 -9.90 -3.87
CA GLU A 612 -13.56 -10.92 -4.83
C GLU A 612 -13.09 -10.58 -6.24
N GLY A 613 -12.79 -9.31 -6.52
CA GLY A 613 -12.27 -8.96 -7.83
C GLY A 613 -10.77 -9.10 -7.91
N TYR A 614 -10.23 -10.27 -7.56
CA TYR A 614 -8.80 -10.45 -7.39
C TYR A 614 -8.14 -10.92 -8.69
N GLY A 615 -6.85 -10.62 -8.81
CA GLY A 615 -5.98 -11.24 -9.77
C GLY A 615 -4.82 -11.88 -9.03
N TRP A 616 -3.83 -12.37 -9.76
CA TRP A 616 -2.62 -12.92 -9.16
C TRP A 616 -1.58 -13.07 -10.25
N ILE A 617 -0.32 -13.18 -9.83
CA ILE A 617 0.80 -13.38 -10.75
C ILE A 617 1.25 -14.83 -10.65
N PRO A 618 0.91 -15.68 -11.64
CA PRO A 618 1.25 -17.12 -11.53
C PRO A 618 2.70 -17.44 -11.81
N ARG A 619 3.35 -16.65 -12.66
CA ARG A 619 4.74 -16.94 -13.04
C ARG A 619 5.37 -15.64 -13.52
N TYR A 620 6.70 -15.60 -13.45
CA TYR A 620 7.43 -14.41 -13.87
C TYR A 620 8.90 -14.75 -14.00
N TYR A 621 9.65 -13.82 -14.59
CA TYR A 621 11.10 -13.96 -14.70
C TYR A 621 11.72 -12.57 -14.78
N GLU A 622 12.62 -12.26 -13.84
CA GLU A 622 13.35 -11.01 -13.84
C GLU A 622 14.73 -11.28 -14.41
N GLY A 623 15.01 -10.77 -15.62
CA GLY A 623 16.26 -11.05 -16.29
C GLY A 623 16.97 -9.81 -16.78
N GLU A 624 17.88 -9.97 -17.76
CA GLU A 624 18.64 -8.86 -18.31
C GLU A 624 18.37 -8.64 -19.79
N GLU A 625 18.45 -9.68 -20.61
CA GLU A 625 18.07 -9.49 -22.01
C GLU A 625 16.58 -9.63 -22.23
N ILE A 626 15.82 -10.04 -21.20
CA ILE A 626 14.39 -10.27 -21.31
C ILE A 626 13.83 -10.48 -19.91
N SER A 627 12.67 -9.87 -19.62
CA SER A 627 11.92 -10.10 -18.39
C SER A 627 10.46 -10.38 -18.75
N TYR A 628 9.70 -10.87 -17.77
CA TYR A 628 8.42 -11.50 -18.05
C TYR A 628 7.55 -11.50 -16.79
N VAL A 629 6.26 -11.16 -16.95
CA VAL A 629 5.30 -11.30 -15.87
C VAL A 629 3.95 -11.67 -16.49
N VAL A 630 3.18 -12.48 -15.78
CA VAL A 630 1.85 -12.90 -16.21
C VAL A 630 0.86 -12.53 -15.12
N GLY A 631 -0.29 -12.02 -15.54
CA GLY A 631 -1.39 -11.77 -14.62
C GLY A 631 -2.59 -12.61 -15.00
N ASP A 632 -3.29 -13.12 -13.99
CA ASP A 632 -4.49 -13.92 -14.20
C ASP A 632 -5.66 -13.25 -13.49
N ALA A 633 -6.63 -12.77 -14.27
CA ALA A 633 -7.82 -12.12 -13.73
C ALA A 633 -9.10 -12.86 -14.11
N SER A 634 -8.99 -14.19 -14.27
CA SER A 634 -10.09 -15.02 -14.77
C SER A 634 -11.33 -14.94 -13.87
N ASN A 635 -11.14 -14.69 -12.58
CA ASN A 635 -12.22 -14.73 -11.61
C ASN A 635 -12.61 -13.35 -11.10
N ALA A 636 -12.11 -12.29 -11.72
CA ALA A 636 -12.26 -10.96 -11.16
C ALA A 636 -13.53 -10.24 -11.62
N TYR A 637 -14.33 -10.84 -12.51
CA TYR A 637 -15.46 -10.16 -13.12
C TYR A 637 -16.79 -10.74 -12.61
N GLY A 638 -17.86 -9.96 -12.80
CA GLY A 638 -19.17 -10.43 -12.40
C GLY A 638 -19.93 -9.44 -11.54
N LYS A 639 -20.82 -9.96 -10.70
CA LYS A 639 -21.63 -9.13 -9.82
C LYS A 639 -20.86 -8.77 -8.55
N VAL A 640 -21.16 -7.59 -8.01
CA VAL A 640 -20.54 -7.17 -6.75
C VAL A 640 -21.24 -7.89 -5.60
N VAL A 641 -20.46 -8.55 -4.74
CA VAL A 641 -21.04 -9.34 -3.65
C VAL A 641 -20.41 -9.01 -2.29
N SER A 642 -19.32 -8.27 -2.27
CA SER A 642 -18.67 -7.91 -1.01
C SER A 642 -19.65 -7.25 -0.06
N PRO A 643 -19.92 -7.82 1.12
CA PRO A 643 -20.81 -7.15 2.07
C PRO A 643 -20.36 -5.75 2.45
N LEU A 644 -19.05 -5.53 2.61
CA LEU A 644 -18.56 -4.20 2.94
C LEU A 644 -18.93 -3.20 1.84
N TRP A 645 -18.68 -3.59 0.58
CA TRP A 645 -18.90 -2.64 -0.51
C TRP A 645 -20.37 -2.52 -0.88
N LEU A 646 -21.17 -3.58 -0.65
CA LEU A 646 -22.62 -3.43 -0.84
C LEU A 646 -23.19 -2.46 0.18
N GLU A 647 -22.70 -2.48 1.43
CA GLU A 647 -23.17 -1.53 2.43
C GLU A 647 -22.67 -0.12 2.11
N ARG A 648 -21.41 0.02 1.72
CA ARG A 648 -20.93 1.34 1.29
C ARG A 648 -21.76 1.87 0.12
N GLY A 649 -22.10 1.00 -0.83
CA GLY A 649 -22.86 1.43 -1.98
C GLY A 649 -24.26 1.88 -1.61
N ARG A 650 -24.91 1.14 -0.70
CA ARG A 650 -26.23 1.55 -0.23
C ARG A 650 -26.18 2.93 0.42
N LEU A 651 -25.16 3.18 1.26
CA LEU A 651 -25.04 4.47 1.93
C LEU A 651 -24.71 5.59 0.96
N SER A 652 -23.99 5.27 -0.11
CA SER A 652 -23.42 6.28 -1.00
C SER A 652 -24.29 6.55 -2.23
N GLY A 653 -25.32 5.75 -2.49
CA GLY A 653 -26.08 5.91 -3.72
C GLY A 653 -25.55 5.14 -4.91
N THR A 654 -24.59 4.25 -4.70
CA THR A 654 -24.03 3.50 -5.82
C THR A 654 -25.05 2.51 -6.35
N GLN A 655 -25.00 2.28 -7.66
CA GLN A 655 -25.80 1.24 -8.32
C GLN A 655 -24.83 0.25 -8.96
N PHE A 656 -24.73 -0.95 -8.40
CA PHE A 656 -23.85 -1.98 -8.98
C PHE A 656 -24.59 -2.80 -10.04
N THR A 657 -25.06 -2.11 -11.08
CA THR A 657 -25.98 -2.68 -12.06
C THR A 657 -25.34 -2.83 -13.44
N PRO A 658 -25.95 -3.60 -14.34
CA PRO A 658 -25.36 -3.73 -15.69
C PRO A 658 -25.18 -2.41 -16.38
N GLU A 659 -26.12 -1.48 -16.16
CA GLU A 659 -26.03 -0.15 -16.78
C GLU A 659 -24.76 0.58 -16.36
N LYS A 660 -24.29 0.36 -15.14
CA LYS A 660 -23.06 1.00 -14.68
C LYS A 660 -21.81 0.16 -14.89
N GLY A 661 -21.96 -1.12 -15.22
CA GLY A 661 -20.80 -1.94 -15.59
C GLY A 661 -20.61 -3.26 -14.87
N TRP A 662 -21.62 -3.77 -14.18
CA TRP A 662 -21.51 -5.05 -13.50
C TRP A 662 -22.70 -5.94 -13.87
N ASP A 663 -22.40 -7.16 -14.30
CA ASP A 663 -23.44 -8.10 -14.68
C ASP A 663 -22.94 -9.50 -14.38
N GLU A 664 -23.82 -10.48 -14.60
CA GLU A 664 -23.46 -11.88 -14.44
C GLU A 664 -22.15 -12.22 -15.14
N ASN A 665 -21.28 -12.92 -14.43
CA ASN A 665 -19.97 -13.25 -15.00
C ASN A 665 -20.12 -14.15 -16.23
N LYS A 666 -19.38 -13.79 -17.28
CA LYS A 666 -19.25 -14.62 -18.48
C LYS A 666 -17.82 -15.08 -18.69
N LEU A 667 -16.89 -14.63 -17.86
CA LEU A 667 -15.47 -14.81 -18.12
C LEU A 667 -14.98 -16.12 -17.54
N GLU A 668 -14.33 -16.93 -18.37
CA GLU A 668 -13.75 -18.18 -17.93
C GLU A 668 -12.24 -18.11 -17.74
N PHE A 669 -11.54 -17.32 -18.57
CA PHE A 669 -10.09 -17.33 -18.54
C PHE A 669 -9.60 -15.98 -19.05
N PHE A 670 -8.69 -15.35 -18.30
CA PHE A 670 -8.07 -14.12 -18.77
C PHE A 670 -6.65 -14.13 -18.21
N ARG A 671 -5.68 -14.42 -19.07
CA ARG A 671 -4.27 -14.28 -18.75
C ARG A 671 -3.62 -13.26 -19.67
N ARG A 672 -2.81 -12.39 -19.09
CA ARG A 672 -2.07 -11.36 -19.82
C ARG A 672 -0.58 -11.60 -19.61
N HIS A 673 0.12 -11.85 -20.72
CA HIS A 673 1.56 -12.08 -20.71
C HIS A 673 2.25 -10.78 -21.09
N VAL A 674 3.15 -10.29 -20.23
CA VAL A 674 3.87 -9.04 -20.49
C VAL A 674 5.36 -9.37 -20.60
N VAL A 675 5.94 -9.09 -21.76
CA VAL A 675 7.35 -9.38 -22.03
C VAL A 675 8.09 -8.06 -22.23
N GLN A 676 9.11 -7.82 -21.42
CA GLN A 676 10.02 -6.72 -21.62
C GLN A 676 11.13 -7.17 -22.57
N LEU A 677 11.26 -6.48 -23.71
CA LEU A 677 12.25 -6.84 -24.73
C LEU A 677 13.56 -6.13 -24.39
N GLY A 678 14.20 -6.65 -23.34
CA GLY A 678 15.46 -6.09 -22.88
C GLY A 678 15.32 -4.62 -22.58
N ARG A 679 16.34 -3.85 -22.95
CA ARG A 679 16.36 -2.42 -22.71
C ARG A 679 15.96 -1.61 -23.94
N SER A 680 15.29 -2.24 -24.90
CA SER A 680 14.90 -1.58 -26.14
C SER A 680 13.80 -0.52 -25.95
N GLY A 681 13.02 -0.61 -24.88
CA GLY A 681 11.83 0.20 -24.80
C GLY A 681 10.61 -0.44 -25.43
N LEU A 682 10.75 -1.65 -25.95
CA LEU A 682 9.67 -2.41 -26.52
C LEU A 682 9.13 -3.40 -25.49
N PHE A 683 7.81 -3.55 -25.47
CA PHE A 683 7.09 -4.47 -24.60
C PHE A 683 6.06 -5.19 -25.45
N VAL A 684 5.87 -6.48 -25.18
CA VAL A 684 4.90 -7.30 -25.89
C VAL A 684 3.85 -7.75 -24.89
N VAL A 685 2.59 -7.46 -25.17
CA VAL A 685 1.50 -7.86 -24.28
C VAL A 685 0.61 -8.82 -25.06
N TYR A 686 0.49 -10.05 -24.57
CA TYR A 686 -0.23 -11.12 -25.25
C TYR A 686 -1.33 -11.66 -24.35
N ASP A 687 -2.58 -11.65 -24.83
CA ASP A 687 -3.76 -11.95 -24.01
C ASP A 687 -4.42 -13.25 -24.46
N GLU A 688 -4.69 -14.14 -23.49
CA GLU A 688 -5.59 -15.28 -23.69
C GLU A 688 -6.92 -14.98 -23.02
N LEU A 689 -8.00 -15.03 -23.77
CA LEU A 689 -9.33 -14.76 -23.22
C LEU A 689 -10.31 -15.85 -23.65
N ALA A 690 -11.12 -16.33 -22.69
CA ALA A 690 -12.15 -17.32 -22.96
C ALA A 690 -13.40 -16.98 -22.16
N GLY A 691 -14.56 -17.05 -22.81
CA GLY A 691 -15.82 -16.81 -22.14
C GLY A 691 -16.74 -18.01 -22.14
N LYS A 692 -17.77 -18.00 -21.28
CA LYS A 692 -18.77 -19.06 -21.20
C LYS A 692 -19.69 -19.08 -22.41
N GLU A 693 -19.64 -18.06 -23.25
CA GLU A 693 -20.51 -17.90 -24.39
C GLU A 693 -19.90 -16.84 -25.28
N PRO A 694 -20.38 -16.63 -26.51
CA PRO A 694 -19.81 -15.56 -27.34
C PRO A 694 -20.07 -14.20 -26.71
N VAL A 695 -19.00 -13.40 -26.59
CA VAL A 695 -19.07 -12.09 -25.97
C VAL A 695 -18.28 -11.12 -26.82
N GLU A 696 -18.58 -9.85 -26.64
CA GLU A 696 -17.80 -8.78 -27.25
C GLU A 696 -16.71 -8.38 -26.26
N TRP A 697 -15.46 -8.47 -26.69
CA TRP A 697 -14.33 -8.11 -25.84
C TRP A 697 -13.93 -6.67 -26.14
N ASN A 698 -13.72 -5.89 -25.09
CA ASN A 698 -13.35 -4.49 -25.21
C ASN A 698 -11.92 -4.30 -24.69
N TYR A 699 -11.02 -3.89 -25.58
CA TYR A 699 -9.61 -3.67 -25.27
C TYR A 699 -9.41 -2.18 -25.08
N LEU A 700 -8.91 -1.78 -23.90
CA LEU A 700 -8.88 -0.38 -23.51
C LEU A 700 -7.47 0.19 -23.46
N LEU A 701 -7.33 1.44 -23.92
CA LEU A 701 -6.15 2.26 -23.71
C LEU A 701 -6.59 3.67 -23.30
N HIS A 702 -5.84 4.29 -22.40
CA HIS A 702 -6.13 5.66 -21.98
C HIS A 702 -4.88 6.50 -21.97
N THR A 703 -5.06 7.80 -22.21
CA THR A 703 -4.04 8.82 -21.99
C THR A 703 -4.66 9.95 -21.15
N VAL A 704 -3.80 10.78 -20.55
CA VAL A 704 -4.34 11.74 -19.58
C VAL A 704 -3.87 13.17 -19.84
N GLU A 705 -3.24 13.41 -20.98
CA GLU A 705 -2.91 14.79 -21.38
C GLU A 705 -3.35 15.15 -22.78
N LEU A 706 -3.18 14.26 -23.76
CA LEU A 706 -3.47 14.54 -25.17
C LEU A 706 -4.21 13.37 -25.78
N PRO A 707 -5.04 13.62 -26.79
CA PRO A 707 -5.78 12.51 -27.43
C PRO A 707 -4.85 11.55 -28.14
N MET A 708 -5.31 10.31 -28.27
CA MET A 708 -4.59 9.31 -29.04
C MET A 708 -4.88 9.52 -30.52
N GLU A 709 -3.97 9.04 -31.37
CA GLU A 709 -4.14 9.09 -32.82
C GLU A 709 -4.14 7.67 -33.34
N VAL A 710 -5.21 7.29 -34.06
CA VAL A 710 -5.46 5.90 -34.43
C VAL A 710 -5.51 5.80 -35.95
N VAL A 711 -4.75 4.83 -36.49
CA VAL A 711 -4.85 4.48 -37.91
C VAL A 711 -4.81 2.97 -38.03
N LYS A 712 -5.45 2.45 -39.08
CA LYS A 712 -5.27 1.04 -39.40
C LYS A 712 -3.81 0.80 -39.82
N GLU A 713 -3.25 -0.31 -39.35
CA GLU A 713 -1.88 -0.69 -39.69
C GLU A 713 -1.86 -2.18 -39.96
N GLU A 714 -1.51 -2.56 -41.19
CA GLU A 714 -1.64 -3.95 -41.61
C GLU A 714 -3.02 -4.50 -41.23
N GLY A 715 -3.10 -5.71 -40.65
CA GLY A 715 -4.37 -6.27 -40.25
C GLY A 715 -4.86 -5.86 -38.88
N GLY A 716 -4.26 -4.83 -38.28
CA GLY A 716 -4.72 -4.29 -37.01
C GLY A 716 -4.73 -2.78 -36.88
N LEU A 717 -4.46 -2.28 -35.68
CA LEU A 717 -4.55 -0.85 -35.38
C LEU A 717 -3.24 -0.34 -34.79
N ARG A 718 -2.91 0.91 -35.12
CA ARG A 718 -1.81 1.63 -34.50
C ARG A 718 -2.39 2.73 -33.64
N ILE A 719 -2.08 2.72 -32.34
CA ILE A 719 -2.61 3.72 -31.41
C ILE A 719 -1.42 4.51 -30.88
N LEU A 720 -1.29 5.75 -31.34
CA LEU A 720 -0.22 6.64 -30.90
C LEU A 720 -0.68 7.42 -29.68
N GLY A 721 0.00 7.22 -28.56
CA GLY A 721 -0.17 8.04 -27.38
C GLY A 721 1.07 8.91 -27.20
N LYS A 722 0.85 10.14 -26.77
CA LYS A 722 1.97 11.03 -26.47
C LYS A 722 1.56 11.92 -25.31
N ASN A 723 2.54 12.35 -24.52
CA ASN A 723 2.29 13.33 -23.47
C ASN A 723 2.80 14.70 -23.92
N LYS A 724 2.65 15.70 -23.04
CA LYS A 724 2.97 17.07 -23.42
C LYS A 724 4.46 17.35 -23.40
N ALA A 725 5.27 16.40 -22.95
CA ALA A 725 6.73 16.54 -22.92
C ALA A 725 7.32 15.74 -24.06
N ASP A 726 8.30 14.88 -23.84
CA ASP A 726 8.96 14.09 -24.88
C ASP A 726 8.33 12.72 -25.10
N GLY A 727 7.35 12.34 -24.28
CA GLY A 727 7.02 10.93 -24.13
C GLY A 727 6.10 10.41 -25.23
N ILE A 728 6.41 9.19 -25.66
CA ILE A 728 5.69 8.47 -26.71
C ILE A 728 5.39 7.07 -26.23
N SER A 729 4.22 6.55 -26.59
CA SER A 729 3.96 5.12 -26.49
C SER A 729 3.03 4.75 -27.63
N ILE A 730 3.48 3.86 -28.50
CA ILE A 730 2.68 3.44 -29.65
C ILE A 730 2.29 1.99 -29.43
N ALA A 731 0.98 1.74 -29.42
CA ALA A 731 0.44 0.39 -29.35
C ALA A 731 0.21 -0.10 -30.76
N HIS A 732 0.78 -1.27 -31.08
CA HIS A 732 0.51 -1.98 -32.32
C HIS A 732 -0.33 -3.20 -31.95
N LEU A 733 -1.63 -3.08 -32.17
CA LEU A 733 -2.64 -4.00 -31.65
C LEU A 733 -3.21 -4.87 -32.76
N TYR A 734 -3.17 -6.19 -32.54
CA TYR A 734 -3.76 -7.17 -33.44
C TYR A 734 -4.61 -8.14 -32.63
N SER A 735 -5.58 -8.75 -33.28
CA SER A 735 -6.51 -9.63 -32.57
C SER A 735 -6.90 -10.79 -33.48
N SER A 736 -7.28 -11.90 -32.87
CA SER A 736 -7.77 -13.04 -33.63
C SER A 736 -9.17 -12.82 -34.22
N GLN A 737 -9.82 -11.70 -33.91
CA GLN A 737 -11.12 -11.38 -34.48
C GLN A 737 -11.09 -9.96 -35.04
N GLU A 738 -12.02 -9.67 -35.94
CA GLU A 738 -12.10 -8.31 -36.46
C GLU A 738 -12.47 -7.33 -35.35
N MET A 739 -11.87 -6.14 -35.40
CA MET A 739 -12.10 -5.09 -34.42
C MET A 739 -12.70 -3.85 -35.06
N THR A 740 -13.58 -3.18 -34.31
CA THR A 740 -13.90 -1.78 -34.55
C THR A 740 -13.38 -0.97 -33.37
N TYR A 741 -13.27 0.35 -33.53
CA TYR A 741 -12.74 1.16 -32.44
C TYR A 741 -13.46 2.49 -32.33
N ALA A 742 -13.34 3.09 -31.14
CA ALA A 742 -13.78 4.46 -30.93
C ALA A 742 -12.90 5.10 -29.88
N GLN A 743 -12.88 6.43 -29.89
CA GLN A 743 -12.22 7.19 -28.82
C GLN A 743 -13.22 8.21 -28.26
N THR A 744 -13.11 8.49 -26.97
CA THR A 744 -13.96 9.46 -26.30
C THR A 744 -13.10 10.40 -25.47
N ASP A 745 -13.61 11.62 -25.26
CA ASP A 745 -12.99 12.60 -24.37
C ASP A 745 -13.69 12.72 -23.03
N THR A 746 -14.79 12.00 -22.81
CA THR A 746 -15.57 12.17 -21.60
C THR A 746 -15.53 10.91 -20.75
N PHE A 747 -15.63 11.11 -19.44
CA PHE A 747 -15.74 10.00 -18.51
C PHE A 747 -17.14 9.41 -18.56
N PHE A 748 -17.28 8.21 -18.00
CA PHE A 748 -18.59 7.59 -17.89
C PHE A 748 -19.54 8.49 -17.10
N VAL A 749 -19.03 9.15 -16.06
CA VAL A 749 -19.75 10.15 -15.30
C VAL A 749 -18.74 11.23 -14.93
N ALA A 750 -19.22 12.47 -14.87
CA ALA A 750 -18.35 13.63 -14.69
C ALA A 750 -17.52 13.52 -13.43
N ALA A 751 -16.28 14.01 -13.52
CA ALA A 751 -15.37 14.10 -12.38
C ALA A 751 -15.66 15.37 -11.59
N LEU A 752 -16.74 15.32 -10.81
CA LEU A 752 -17.20 16.47 -10.06
C LEU A 752 -16.45 16.59 -8.74
N ASP A 753 -15.77 17.70 -8.53
CA ASP A 753 -15.02 17.90 -7.28
C ASP A 753 -15.94 18.47 -6.21
N TRP A 754 -16.90 17.64 -5.77
CA TRP A 754 -17.88 18.06 -4.78
C TRP A 754 -17.22 18.40 -3.45
N LYS A 755 -16.11 17.73 -3.15
CA LYS A 755 -15.38 17.92 -1.90
C LYS A 755 -14.48 19.13 -1.95
N LYS A 756 -14.26 19.67 -3.14
CA LYS A 756 -13.23 20.68 -3.38
C LYS A 756 -11.89 20.21 -2.82
N ARG A 757 -11.49 18.99 -3.21
CA ARG A 757 -10.24 18.36 -2.80
C ARG A 757 -9.18 18.36 -3.89
N LEU A 758 -9.49 18.87 -5.07
CA LEU A 758 -8.55 18.91 -6.19
C LEU A 758 -8.43 20.35 -6.70
N GLY A 759 -7.38 20.60 -7.50
CA GLY A 759 -7.23 21.90 -8.13
C GLY A 759 -8.31 22.14 -9.17
N LYS A 760 -8.56 23.40 -9.48
CA LYS A 760 -9.50 23.73 -10.54
C LYS A 760 -8.81 23.61 -11.90
N ALA A 761 -9.49 22.94 -12.82
CA ALA A 761 -9.05 22.44 -14.12
C ALA A 761 -9.66 21.06 -14.30
N LEU A 762 -9.15 20.10 -13.53
CA LEU A 762 -9.47 18.68 -13.64
C LEU A 762 -9.62 18.29 -15.11
N PRO A 763 -8.54 18.31 -15.90
CA PRO A 763 -8.64 18.00 -17.32
C PRO A 763 -9.44 16.72 -17.57
N ASN A 764 -10.11 16.70 -18.71
CA ASN A 764 -10.61 15.47 -19.25
C ASN A 764 -9.43 14.58 -19.66
N HIS A 765 -9.72 13.30 -19.76
CA HIS A 765 -8.76 12.33 -20.22
C HIS A 765 -9.26 11.79 -21.55
N TYR A 766 -8.55 10.81 -22.10
CA TYR A 766 -8.90 10.25 -23.41
C TYR A 766 -8.94 8.74 -23.34
N HIS A 767 -9.98 8.14 -23.93
CA HIS A 767 -10.31 6.73 -23.74
C HIS A 767 -10.52 6.05 -25.09
N PHE A 768 -9.61 5.11 -25.42
CA PHE A 768 -9.70 4.31 -26.63
C PHE A 768 -10.30 2.94 -26.31
N THR A 769 -11.24 2.49 -27.14
CA THR A 769 -11.84 1.17 -26.98
C THR A 769 -11.88 0.44 -28.32
N ALA A 770 -11.20 -0.70 -28.38
CA ALA A 770 -11.35 -1.62 -29.51
C ALA A 770 -12.29 -2.75 -29.10
N THR A 771 -13.35 -2.96 -29.87
CA THR A 771 -14.34 -3.98 -29.60
C THR A 771 -14.28 -5.05 -30.68
N THR A 772 -14.26 -6.32 -30.28
CA THR A 772 -14.24 -7.42 -31.22
C THR A 772 -15.64 -7.81 -31.66
N ALA A 773 -15.69 -8.53 -32.77
CA ALA A 773 -16.88 -9.32 -33.09
C ALA A 773 -17.16 -10.31 -31.96
N PRO A 774 -18.41 -10.73 -31.77
CA PRO A 774 -18.72 -11.66 -30.69
C PRO A 774 -18.06 -13.01 -30.89
N CYS A 775 -17.47 -13.55 -29.84
CA CYS A 775 -16.80 -14.84 -29.92
C CYS A 775 -16.55 -15.37 -28.53
N ASN A 776 -16.48 -16.70 -28.42
CA ASN A 776 -16.24 -17.33 -27.12
C ASN A 776 -14.78 -17.29 -26.71
N LYS A 777 -13.85 -17.14 -27.66
CA LYS A 777 -12.44 -17.04 -27.37
C LYS A 777 -11.81 -15.97 -28.24
N VAL A 778 -10.79 -15.30 -27.70
CA VAL A 778 -10.06 -14.30 -28.47
C VAL A 778 -8.63 -14.23 -27.94
N PHE A 779 -7.71 -13.83 -28.82
CA PHE A 779 -6.34 -13.53 -28.48
C PHE A 779 -5.98 -12.13 -28.97
N PHE A 780 -5.18 -11.41 -28.20
CA PHE A 780 -4.69 -10.08 -28.54
C PHE A 780 -3.17 -10.07 -28.48
N LEU A 781 -2.53 -9.41 -29.44
CA LEU A 781 -1.11 -9.13 -29.40
C LEU A 781 -0.93 -7.64 -29.49
N ASN A 782 -0.25 -7.05 -28.51
CA ASN A 782 0.02 -5.62 -28.50
C ASN A 782 1.51 -5.42 -28.31
N ILE A 783 2.18 -4.93 -29.36
CA ILE A 783 3.58 -4.57 -29.27
C ILE A 783 3.64 -3.08 -28.97
N ILE A 784 4.19 -2.71 -27.81
CA ILE A 784 4.18 -1.33 -27.36
C ILE A 784 5.59 -0.76 -27.46
N ASP A 785 5.71 0.37 -28.15
CA ASP A 785 6.98 1.05 -28.38
C ASP A 785 7.00 2.30 -27.50
N VAL A 786 7.81 2.28 -26.45
CA VAL A 786 7.91 3.36 -25.45
C VAL A 786 9.25 4.05 -25.62
N HIS A 787 9.23 5.35 -25.95
CA HIS A 787 10.46 6.12 -26.08
C HIS A 787 10.16 7.60 -25.91
N GLY A 788 11.22 8.41 -25.99
CA GLY A 788 11.15 9.86 -26.04
C GLY A 788 12.02 10.34 -27.19
N ASN A 789 12.78 11.40 -26.94
CA ASN A 789 13.71 11.89 -27.95
C ASN A 789 14.98 11.05 -28.05
N ASN A 790 15.06 9.93 -27.32
CA ASN A 790 16.25 9.11 -27.40
C ASN A 790 16.39 8.41 -28.75
N ARG A 791 15.28 8.17 -29.46
CA ARG A 791 15.33 7.45 -30.72
C ARG A 791 14.02 7.67 -31.47
N ALA A 792 14.01 7.25 -32.73
CA ALA A 792 12.80 7.33 -33.54
C ALA A 792 11.86 6.17 -33.19
N ASP A 793 10.63 6.24 -33.71
CA ASP A 793 9.71 5.11 -33.60
C ASP A 793 10.35 3.83 -34.11
N ALA A 794 10.05 2.71 -33.46
CA ALA A 794 10.50 1.41 -33.97
C ALA A 794 9.63 0.97 -35.14
N VAL A 795 10.27 0.43 -36.17
CA VAL A 795 9.56 -0.04 -37.36
C VAL A 795 9.14 -1.49 -37.13
N ILE A 796 7.85 -1.76 -37.33
CA ILE A 796 7.28 -3.09 -37.15
C ILE A 796 7.18 -3.72 -38.53
N ASN A 797 7.88 -4.83 -38.75
CA ASN A 797 7.89 -5.52 -40.02
C ASN A 797 7.03 -6.79 -39.94
N HIS A 798 6.07 -6.90 -40.87
CA HIS A 798 5.23 -8.09 -40.99
C HIS A 798 5.76 -8.93 -42.14
N GLN A 799 6.47 -10.01 -41.82
CA GLN A 799 7.16 -10.81 -42.81
C GLN A 799 7.05 -12.28 -42.47
N GLY A 800 7.11 -13.13 -43.50
CA GLY A 800 7.16 -14.57 -43.33
C GLY A 800 6.13 -15.14 -42.37
N ASN A 801 4.98 -14.43 -42.26
CA ASN A 801 3.87 -14.80 -41.38
C ASN A 801 4.28 -14.79 -39.91
N HIS A 802 5.12 -13.81 -39.55
CA HIS A 802 5.40 -13.44 -38.17
C HIS A 802 5.75 -11.96 -38.19
N ILE A 803 6.27 -11.46 -37.08
CA ILE A 803 6.54 -10.03 -36.94
C ILE A 803 7.96 -9.85 -36.41
N THR A 804 8.68 -8.91 -36.99
CA THR A 804 10.04 -8.62 -36.54
C THR A 804 10.18 -7.13 -36.26
N VAL A 805 10.97 -6.82 -35.24
CA VAL A 805 11.33 -5.44 -34.92
C VAL A 805 12.66 -5.46 -34.19
N GLU A 806 13.63 -4.68 -34.70
CA GLU A 806 14.91 -4.46 -34.04
C GLU A 806 15.61 -5.77 -33.67
N GLY A 807 15.55 -6.75 -34.58
CA GLY A 807 16.23 -8.01 -34.30
C GLY A 807 15.45 -9.00 -33.49
N TRP A 808 14.26 -8.63 -33.00
CA TRP A 808 13.37 -9.57 -32.34
C TRP A 808 12.46 -10.18 -33.39
N VAL A 809 12.10 -11.45 -33.17
CA VAL A 809 11.12 -12.14 -34.00
C VAL A 809 10.00 -12.61 -33.10
N ILE A 810 8.77 -12.22 -33.42
CA ILE A 810 7.61 -12.47 -32.56
C ILE A 810 6.61 -13.32 -33.33
N GLU A 811 6.32 -14.50 -32.79
CA GLU A 811 5.27 -15.37 -33.32
C GLU A 811 4.26 -15.64 -32.22
N CYS A 812 2.98 -15.73 -32.58
CA CYS A 812 1.98 -16.01 -31.58
C CYS A 812 0.74 -16.57 -32.27
N ASN A 813 -0.15 -17.14 -31.45
CA ASN A 813 -1.42 -17.63 -31.93
C ASN A 813 -2.44 -16.50 -31.94
N LEU A 814 -2.97 -16.21 -33.12
CA LEU A 814 -4.10 -15.28 -33.26
C LEU A 814 -5.26 -16.00 -33.95
N ASP A 815 -5.57 -17.18 -33.46
CA ASP A 815 -6.63 -18.02 -34.00
C ASP A 815 -7.53 -18.38 -32.83
N SER A 816 -8.77 -17.87 -32.83
CA SER A 816 -9.67 -18.17 -31.72
C SER A 816 -9.92 -19.66 -31.57
N GLU A 817 -9.64 -20.46 -32.61
CA GLU A 817 -9.88 -21.90 -32.57
C GLU A 817 -8.63 -22.71 -32.26
N GLY A 818 -7.45 -22.09 -32.29
CA GLY A 818 -6.21 -22.79 -32.04
C GLY A 818 -5.69 -22.55 -30.62
N LYS A 819 -4.67 -23.33 -30.26
CA LYS A 819 -4.08 -23.23 -28.93
C LYS A 819 -3.18 -22.00 -28.84
N ALA A 820 -3.25 -21.32 -27.70
CA ALA A 820 -2.43 -20.14 -27.52
C ALA A 820 -0.95 -20.52 -27.52
N PHE A 821 -0.13 -19.63 -28.08
CA PHE A 821 1.30 -19.74 -27.90
C PHE A 821 1.91 -18.37 -28.15
N LEU A 822 3.14 -18.21 -27.67
CA LEU A 822 3.89 -16.96 -27.80
C LEU A 822 5.36 -17.34 -27.87
N HIS A 823 6.00 -17.03 -28.99
CA HIS A 823 7.44 -17.28 -29.16
C HIS A 823 8.14 -16.01 -29.57
N ILE A 824 9.06 -15.55 -28.73
CA ILE A 824 9.81 -14.33 -28.95
C ILE A 824 11.28 -14.69 -28.86
N GLU A 825 12.07 -14.21 -29.81
CA GLU A 825 13.49 -14.51 -29.78
C GLU A 825 14.29 -13.39 -30.43
N ASN A 826 15.44 -13.10 -29.84
CA ASN A 826 16.44 -12.20 -30.41
C ASN A 826 17.72 -13.03 -30.50
N LYS A 827 18.01 -13.52 -31.71
CA LYS A 827 19.13 -14.45 -31.88
C LYS A 827 20.46 -13.78 -31.57
N GLN A 828 20.61 -12.50 -31.88
CA GLN A 828 21.89 -11.83 -31.64
C GLN A 828 22.11 -11.49 -30.17
N ASN A 829 21.04 -11.23 -29.42
CA ASN A 829 21.18 -11.02 -27.98
C ASN A 829 21.19 -12.34 -27.21
N GLY A 830 20.80 -13.44 -27.84
CA GLY A 830 20.74 -14.70 -27.14
C GLY A 830 19.61 -14.82 -26.13
N ALA A 831 18.47 -14.19 -26.41
CA ALA A 831 17.31 -14.25 -25.54
C ALA A 831 16.16 -14.94 -26.25
N SER A 832 15.34 -15.65 -25.48
CA SER A 832 14.15 -16.26 -26.06
C SER A 832 13.12 -16.51 -24.98
N LEU A 833 11.86 -16.58 -25.39
CA LEU A 833 10.74 -16.93 -24.54
C LEU A 833 9.81 -17.83 -25.36
N ASP A 834 9.39 -18.94 -24.76
CA ASP A 834 8.55 -19.90 -25.47
C ASP A 834 7.43 -20.37 -24.53
N PHE A 835 6.21 -19.89 -24.78
CA PHE A 835 5.02 -20.34 -24.07
C PHE A 835 4.14 -21.10 -25.06
N ASN A 836 3.77 -22.33 -24.70
CA ASN A 836 2.88 -23.12 -25.54
C ASN A 836 2.30 -24.28 -24.75
N TYR A 837 1.20 -24.84 -25.25
CA TYR A 837 0.48 -25.93 -24.62
C TYR A 837 0.83 -27.29 -25.21
N ASN A 838 1.87 -27.36 -26.07
CA ASN A 838 2.24 -28.60 -26.72
C ASN A 838 3.57 -29.05 -26.14
N SER A 839 4.72 -28.75 -26.78
CA SER A 839 6.04 -29.06 -26.26
C SER A 839 6.16 -28.77 -24.77
N ASN A 840 5.67 -27.62 -24.34
CA ASN A 840 5.94 -27.10 -23.00
C ASN A 840 4.88 -27.44 -21.98
N LYS A 841 3.78 -28.07 -22.40
CA LYS A 841 2.73 -28.50 -21.47
C LYS A 841 2.20 -27.33 -20.63
N GLY A 842 2.10 -26.16 -21.27
CA GLY A 842 1.62 -24.97 -20.59
C GLY A 842 2.68 -24.12 -19.92
N ALA A 843 3.93 -24.59 -19.89
CA ALA A 843 4.99 -23.82 -19.26
C ALA A 843 5.52 -22.75 -20.20
N THR A 844 6.25 -21.81 -19.63
CA THR A 844 7.00 -20.80 -20.38
C THR A 844 8.47 -21.07 -20.14
N THR A 845 9.20 -21.40 -21.21
CA THR A 845 10.64 -21.61 -21.12
C THR A 845 11.35 -20.33 -21.53
N ILE A 846 12.38 -19.98 -20.77
CA ILE A 846 13.14 -18.75 -20.96
C ILE A 846 14.59 -19.13 -21.24
N VAL A 847 15.21 -18.41 -22.18
CA VAL A 847 16.66 -18.37 -22.29
C VAL A 847 17.08 -16.91 -22.21
N ASP A 848 18.08 -16.65 -21.38
CA ASP A 848 18.57 -15.30 -21.11
C ASP A 848 20.09 -15.35 -21.03
N GLN A 849 20.71 -14.19 -21.13
CA GLN A 849 22.16 -14.05 -20.95
C GLN A 849 22.39 -13.08 -19.80
N VAL A 850 23.10 -13.54 -18.76
CA VAL A 850 23.46 -12.68 -17.62
C VAL A 850 24.93 -12.93 -17.32
N ASP A 851 25.76 -11.91 -17.49
CA ASP A 851 27.21 -12.01 -17.30
C ASP A 851 27.81 -13.11 -18.16
N GLY A 852 27.55 -13.03 -19.46
CA GLY A 852 28.10 -13.96 -20.42
C GLY A 852 27.65 -15.41 -20.28
N LYS A 853 26.78 -15.71 -19.33
CA LYS A 853 26.38 -17.08 -19.06
C LYS A 853 24.95 -17.33 -19.55
N ARG A 854 24.78 -18.42 -20.29
CA ARG A 854 23.46 -18.82 -20.75
C ARG A 854 22.60 -19.30 -19.59
N ILE A 855 21.41 -18.73 -19.48
CA ILE A 855 20.44 -19.05 -18.43
C ILE A 855 19.22 -19.66 -19.09
N GLU A 856 18.74 -20.79 -18.56
CA GLU A 856 17.53 -21.41 -19.05
C GLU A 856 16.60 -21.73 -17.88
N LYS A 857 15.35 -21.27 -17.98
CA LYS A 857 14.35 -21.48 -16.94
C LYS A 857 13.09 -22.06 -17.54
N ARG A 858 12.47 -23.00 -16.85
CA ARG A 858 11.14 -23.46 -17.16
C ARG A 858 10.19 -22.92 -16.10
N LEU A 859 9.22 -22.11 -16.51
CA LEU A 859 8.33 -21.43 -15.58
C LEU A 859 6.98 -22.12 -15.55
N VAL A 860 6.50 -22.43 -14.35
CA VAL A 860 5.19 -23.01 -14.13
C VAL A 860 4.47 -22.13 -13.12
N ASP A 861 3.16 -22.36 -12.98
CA ASP A 861 2.35 -21.58 -12.05
C ASP A 861 2.67 -21.93 -10.60
N SER A 862 2.58 -20.92 -9.73
CA SER A 862 2.53 -21.12 -8.28
C SER A 862 1.56 -20.11 -7.68
N LEU A 863 0.86 -20.54 -6.65
CA LEU A 863 -0.07 -19.66 -5.95
C LEU A 863 0.70 -18.67 -5.09
N PRO A 864 0.06 -17.55 -4.71
CA PRO A 864 0.66 -16.61 -3.75
C PRO A 864 0.22 -16.89 -2.32
#